data_2XTZ
#
_entry.id   2XTZ
#
_cell.length_a   67.130
_cell.length_b   119.347
_cell.length_c   161.725
_cell.angle_alpha   90.00
_cell.angle_beta   90.00
_cell.angle_gamma   90.00
#
_symmetry.space_group_name_H-M   'P 21 21 21'
#
loop_
_entity.id
_entity.type
_entity.pdbx_description
1 polymer 'GUANINE NUCLEOTIDE-BINDING PROTEIN ALPHA-1 SUBUNIT'
2 non-polymer 'MAGNESIUM ION'
3 non-polymer "5'-GUANOSINE-DIPHOSPHATE-MONOTHIOPHOSPHATE"
4 non-polymer 'CHLORIDE ION'
5 non-polymer 'SULFATE ION'
6 water water
#
_entity_poly.entity_id   1
_entity_poly.type   'polypeptide(L)'
_entity_poly.pdbx_seq_one_letter_code
;GAMGSGIHIRKLLLLGAGESGKSTIFKQIKLLFQTGFDEGELKSYVPVIHANVYQTIKLLHDGTKEFAQNETDSAKYMLS
SESIAIGEKLSEIGGRLDYPRLTKDIAEGIETLWKDPAIQET(CSS)ARGNELQVPD(CSS)TKYLMENLKRLSDINYIP
TKEDVLYARVRTTGVVEIQFSPVGENKKSGEVYRLFDVGGQRNERRKWIHLFEGVTAVIFCAAISEYDQTLFEDEQKNRM
METKELFDWVLKQPCFEKTSFMLFLNKFDIFEKKVLDVPLNVCEWFRDYQPVSSGKQEIEHAYEFVKKKFEELYYQNTAP
DRVDRVFKIYRTTALDQKLVKKTFKLVDETLRRRNLLEAGLL
;
_entity_poly.pdbx_strand_id   A,B,C
#
# COMPACT_ATOMS: atom_id res chain seq x y z
N MET A 3 3.89 36.96 21.87
CA MET A 3 4.70 35.73 21.69
C MET A 3 4.46 34.75 22.82
N GLY A 4 3.74 33.68 22.51
CA GLY A 4 3.54 32.56 23.42
C GLY A 4 4.36 31.36 22.99
N SER A 5 3.99 30.21 23.51
CA SER A 5 4.74 28.98 23.34
C SER A 5 4.77 28.46 21.91
N GLY A 6 3.75 28.81 21.12
CA GLY A 6 3.63 28.30 19.76
C GLY A 6 2.90 26.97 19.63
N ILE A 7 2.49 26.41 20.76
CA ILE A 7 1.84 25.09 20.79
C ILE A 7 0.32 25.20 20.78
N HIS A 8 -0.28 24.56 19.77
N HIS A 8 -0.29 24.58 19.77
CA HIS A 8 -1.73 24.58 19.59
CA HIS A 8 -1.73 24.60 19.63
C HIS A 8 -2.28 23.17 19.70
C HIS A 8 -2.31 23.19 19.69
N ILE A 9 -2.91 22.86 20.82
CA ILE A 9 -3.48 21.54 21.01
C ILE A 9 -4.98 21.65 20.86
N ARG A 10 -5.52 20.87 19.93
CA ARG A 10 -6.94 20.90 19.57
C ARG A 10 -7.59 19.58 19.99
N LYS A 11 -8.67 19.68 20.73
CA LYS A 11 -9.26 18.51 21.33
C LYS A 11 -10.33 17.92 20.39
N LEU A 12 -10.21 16.63 20.10
CA LEU A 12 -11.18 15.94 19.24
C LEU A 12 -11.78 14.81 20.08
N LEU A 13 -13.06 14.58 19.89
CA LEU A 13 -13.81 13.68 20.73
C LEU A 13 -14.56 12.67 19.83
N LEU A 14 -14.32 11.38 20.05
CA LEU A 14 -15.13 10.35 19.41
C LEU A 14 -16.40 10.10 20.22
N LEU A 15 -17.55 10.37 19.61
CA LEU A 15 -18.82 10.02 20.22
C LEU A 15 -19.64 9.15 19.28
N GLY A 16 -20.68 8.52 19.84
CA GLY A 16 -21.55 7.63 19.11
C GLY A 16 -21.98 6.48 20.00
N ALA A 17 -23.05 5.81 19.60
CA ALA A 17 -23.62 4.69 20.34
C ALA A 17 -22.65 3.50 20.48
N GLY A 18 -22.99 2.55 21.35
CA GLY A 18 -22.19 1.31 21.44
C GLY A 18 -22.04 0.65 20.07
N GLU A 19 -20.80 0.21 19.78
CA GLU A 19 -20.48 -0.60 18.60
C GLU A 19 -20.49 0.18 17.29
N SER A 20 -20.39 1.50 17.37
CA SER A 20 -20.53 2.29 16.16
C SER A 20 -19.24 2.41 15.37
N GLY A 21 -18.11 2.07 15.98
CA GLY A 21 -16.82 2.09 15.27
C GLY A 21 -15.77 3.01 15.84
N LYS A 22 -16.04 3.63 16.99
CA LYS A 22 -15.13 4.62 17.60
C LYS A 22 -13.72 4.06 17.86
N SER A 23 -13.63 2.95 18.56
CA SER A 23 -12.32 2.38 18.87
C SER A 23 -11.59 1.95 17.60
N THR A 24 -12.35 1.55 16.59
CA THR A 24 -11.81 1.06 15.35
C THR A 24 -11.16 2.22 14.63
N ILE A 25 -11.87 3.35 14.59
CA ILE A 25 -11.33 4.60 14.07
C ILE A 25 -10.07 5.01 14.86
N PHE A 26 -10.16 4.87 16.19
CA PHE A 26 -9.04 5.18 17.12
C PHE A 26 -7.81 4.37 16.78
N LYS A 27 -7.98 3.05 16.59
CA LYS A 27 -6.83 2.20 16.19
C LYS A 27 -6.26 2.63 14.83
N GLN A 28 -7.11 3.04 13.90
CA GLN A 28 -6.64 3.47 12.56
C GLN A 28 -5.76 4.72 12.67
N ILE A 29 -6.20 5.68 13.48
CA ILE A 29 -5.40 6.88 13.76
C ILE A 29 -4.01 6.56 14.28
N LYS A 30 -3.91 5.65 15.25
CA LYS A 30 -2.59 5.22 15.73
C LYS A 30 -1.75 4.60 14.62
N LEU A 31 -2.37 3.75 13.80
CA LEU A 31 -1.66 3.13 12.67
C LEU A 31 -1.18 4.12 11.62
N LEU A 32 -1.99 5.14 11.34
CA LEU A 32 -1.65 6.13 10.33
C LEU A 32 -0.62 7.15 10.80
N PHE A 33 -0.80 7.69 12.00
CA PHE A 33 -0.05 8.89 12.38
C PHE A 33 1.02 8.63 13.41
N GLN A 34 1.07 7.41 13.89
CA GLN A 34 2.12 6.98 14.77
C GLN A 34 2.78 5.77 14.12
N THR A 35 3.29 4.84 14.92
CA THR A 35 3.98 3.70 14.34
C THR A 35 2.98 2.57 14.17
N GLY A 36 3.29 1.63 13.27
CA GLY A 36 2.49 0.43 13.08
C GLY A 36 2.68 -0.49 14.27
N PHE A 37 1.67 -1.31 14.56
CA PHE A 37 1.74 -2.28 15.65
C PHE A 37 3.01 -3.13 15.55
N ASP A 38 3.77 -3.23 16.64
CA ASP A 38 4.91 -4.17 16.68
C ASP A 38 4.43 -5.53 17.15
N GLU A 39 5.29 -6.55 17.04
CA GLU A 39 4.91 -7.94 17.29
C GLU A 39 4.22 -8.18 18.63
N GLY A 40 4.71 -7.55 19.70
CA GLY A 40 4.12 -7.69 21.02
C GLY A 40 2.71 -7.12 21.10
N GLU A 41 2.51 -6.00 20.43
CA GLU A 41 1.19 -5.36 20.41
C GLU A 41 0.17 -6.20 19.67
N LEU A 42 0.61 -6.81 18.56
CA LEU A 42 -0.23 -7.73 17.82
C LEU A 42 -0.65 -8.94 18.66
N LYS A 43 0.31 -9.55 19.37
CA LYS A 43 0.01 -10.72 20.20
C LYS A 43 -0.93 -10.40 21.36
N SER A 44 -0.92 -9.16 21.83
CA SER A 44 -1.78 -8.73 22.93
C SER A 44 -3.28 -8.84 22.63
N TYR A 45 -3.63 -8.90 21.34
CA TYR A 45 -5.01 -9.07 20.90
C TYR A 45 -5.48 -10.52 20.75
N VAL A 46 -4.55 -11.48 20.80
CA VAL A 46 -4.94 -12.88 20.70
C VAL A 46 -6.05 -13.22 21.71
N PRO A 47 -5.88 -12.86 23.01
CA PRO A 47 -6.92 -13.20 23.98
C PRO A 47 -8.30 -12.59 23.67
N VAL A 48 -8.30 -11.40 23.06
CA VAL A 48 -9.55 -10.76 22.63
C VAL A 48 -10.19 -11.50 21.46
N ILE A 49 -9.41 -11.72 20.40
CA ILE A 49 -9.88 -12.46 19.22
C ILE A 49 -10.38 -13.86 19.59
N HIS A 50 -9.68 -14.54 20.49
CA HIS A 50 -10.10 -15.86 20.93
C HIS A 50 -11.38 -15.78 21.74
N ALA A 51 -11.49 -14.79 22.60
CA ALA A 51 -12.71 -14.57 23.36
C ALA A 51 -13.89 -14.29 22.44
N ASN A 52 -13.66 -13.49 21.40
CA ASN A 52 -14.68 -13.18 20.41
C ASN A 52 -15.25 -14.45 19.75
N VAL A 53 -14.37 -15.41 19.47
CA VAL A 53 -14.79 -16.64 18.81
C VAL A 53 -15.73 -17.43 19.71
N TYR A 54 -15.36 -17.61 20.98
CA TYR A 54 -16.28 -18.26 21.94
C TYR A 54 -17.56 -17.45 22.17
N GLN A 55 -17.50 -16.12 22.14
CA GLN A 55 -18.68 -15.28 22.35
C GLN A 55 -19.68 -15.45 21.19
N THR A 56 -19.13 -15.48 19.98
CA THR A 56 -19.92 -15.60 18.79
C THR A 56 -20.66 -16.95 18.73
N ILE A 57 -19.93 -18.05 18.96
CA ILE A 57 -20.54 -19.36 18.84
C ILE A 57 -21.58 -19.58 19.94
N LYS A 58 -21.31 -19.05 21.13
CA LYS A 58 -22.26 -19.05 22.24
C LYS A 58 -23.59 -18.37 21.90
N LEU A 59 -23.53 -17.17 21.33
CA LEU A 59 -24.76 -16.43 20.94
C LEU A 59 -25.58 -17.21 19.92
N LEU A 60 -24.88 -17.90 19.02
CA LEU A 60 -25.54 -18.77 18.03
C LEU A 60 -26.17 -20.00 18.70
N HIS A 61 -25.43 -20.62 19.62
CA HIS A 61 -25.89 -21.79 20.34
C HIS A 61 -27.09 -21.46 21.23
N ASP A 62 -27.06 -20.29 21.88
CA ASP A 62 -28.18 -19.84 22.72
C ASP A 62 -29.43 -19.44 21.93
N GLY A 63 -29.22 -18.85 20.76
CA GLY A 63 -30.31 -18.36 19.94
C GLY A 63 -31.13 -19.48 19.34
N THR A 64 -30.43 -20.56 19.00
CA THR A 64 -31.03 -21.79 18.50
C THR A 64 -32.02 -22.35 19.55
N LYS A 65 -31.62 -22.33 20.82
CA LYS A 65 -32.47 -22.76 21.92
C LYS A 65 -33.69 -21.85 22.05
N GLU A 66 -33.49 -20.55 21.83
CA GLU A 66 -34.59 -19.60 21.88
C GLU A 66 -35.59 -19.81 20.75
N PHE A 67 -35.06 -20.01 19.54
CA PHE A 67 -35.91 -20.20 18.38
C PHE A 67 -36.71 -21.51 18.42
N ALA A 68 -36.11 -22.56 18.99
CA ALA A 68 -36.73 -23.88 19.04
C ALA A 68 -37.96 -23.89 19.95
N GLN A 69 -37.90 -23.13 21.05
CA GLN A 69 -39.00 -23.06 22.02
C GLN A 69 -40.24 -22.40 21.45
N ASN A 70 -40.03 -21.48 20.51
CA ASN A 70 -41.14 -20.77 19.89
C ASN A 70 -41.66 -21.46 18.64
N GLU A 71 -40.85 -22.37 18.09
CA GLU A 71 -41.30 -23.21 16.98
C GLU A 71 -41.97 -24.48 17.51
N THR A 72 -43.21 -24.71 17.09
CA THR A 72 -44.00 -25.79 17.65
C THR A 72 -44.18 -26.96 16.68
N ASP A 73 -44.15 -26.66 15.37
CA ASP A 73 -44.24 -27.68 14.32
C ASP A 73 -43.09 -27.64 13.30
N SER A 74 -41.86 -27.72 13.81
CA SER A 74 -40.67 -27.67 12.97
C SER A 74 -39.49 -28.34 13.65
N ALA A 75 -38.71 -29.09 12.88
CA ALA A 75 -37.45 -29.64 13.35
C ALA A 75 -36.29 -28.69 13.03
N LYS A 76 -36.64 -27.53 12.47
CA LYS A 76 -35.74 -26.47 12.01
C LYS A 76 -34.55 -26.14 12.94
N TYR A 77 -34.83 -25.95 14.23
CA TYR A 77 -33.80 -25.50 15.18
C TYR A 77 -33.36 -26.59 16.17
N MET A 78 -33.48 -27.86 15.77
CA MET A 78 -32.91 -28.96 16.56
C MET A 78 -31.51 -29.30 16.06
N LEU A 79 -30.54 -29.25 16.96
CA LEU A 79 -29.15 -29.52 16.64
C LEU A 79 -28.87 -31.02 16.61
N SER A 80 -27.82 -31.43 15.89
CA SER A 80 -27.36 -32.82 15.91
C SER A 80 -26.82 -33.21 17.29
N SER A 81 -26.56 -34.50 17.46
CA SER A 81 -26.00 -35.05 18.70
C SER A 81 -24.54 -34.66 18.88
N GLU A 82 -23.75 -34.80 17.82
CA GLU A 82 -22.34 -34.45 17.88
C GLU A 82 -22.23 -32.95 18.14
N SER A 83 -23.01 -32.17 17.40
CA SER A 83 -22.94 -30.71 17.54
C SER A 83 -23.49 -30.25 18.89
N ILE A 84 -24.29 -31.10 19.55
CA ILE A 84 -24.68 -30.77 20.92
C ILE A 84 -23.55 -31.10 21.91
N ALA A 85 -22.80 -32.15 21.62
CA ALA A 85 -21.65 -32.56 22.45
C ALA A 85 -20.51 -31.53 22.39
N ILE A 86 -20.41 -30.86 21.25
CA ILE A 86 -19.48 -29.78 21.05
C ILE A 86 -20.05 -28.53 21.70
N GLY A 87 -21.29 -28.22 21.34
CA GLY A 87 -22.00 -27.04 21.82
C GLY A 87 -21.92 -26.85 23.32
N GLU A 88 -22.44 -27.82 24.07
CA GLU A 88 -22.49 -27.73 25.52
C GLU A 88 -21.13 -27.54 26.18
N LYS A 89 -20.12 -28.21 25.62
CA LYS A 89 -18.73 -28.11 26.05
C LYS A 89 -18.22 -26.65 25.98
N LEU A 90 -18.49 -25.97 24.86
CA LEU A 90 -18.02 -24.61 24.62
C LEU A 90 -18.71 -23.56 25.49
N SER A 91 -20.00 -23.77 25.75
CA SER A 91 -20.76 -22.81 26.55
C SER A 91 -20.37 -22.94 28.01
N GLU A 92 -19.87 -24.12 28.38
CA GLU A 92 -19.31 -24.32 29.70
C GLU A 92 -18.04 -23.50 29.83
N ILE A 93 -17.13 -23.66 28.87
CA ILE A 93 -15.81 -23.01 28.91
C ILE A 93 -15.96 -21.50 28.91
N GLY A 94 -16.65 -20.98 27.89
CA GLY A 94 -16.83 -19.53 27.71
C GLY A 94 -17.50 -18.78 28.84
N GLY A 95 -18.18 -19.52 29.72
CA GLY A 95 -18.90 -18.93 30.86
C GLY A 95 -18.09 -18.90 32.14
N ARG A 96 -17.16 -19.85 32.27
CA ARG A 96 -16.27 -19.86 33.42
C ARG A 96 -14.95 -19.11 33.21
N LEU A 97 -14.62 -18.73 31.97
CA LEU A 97 -13.35 -18.05 31.65
C LEU A 97 -13.59 -16.81 30.80
N ASP A 98 -13.06 -15.67 31.24
CA ASP A 98 -13.09 -14.45 30.45
C ASP A 98 -12.19 -14.54 29.21
N TYR A 99 -11.10 -15.32 29.30
CA TYR A 99 -10.16 -15.48 28.19
C TYR A 99 -9.93 -16.95 27.81
N PRO A 100 -10.97 -17.57 27.22
CA PRO A 100 -10.91 -18.95 26.78
C PRO A 100 -9.95 -19.05 25.62
N ARG A 101 -9.14 -20.09 25.64
CA ARG A 101 -8.10 -20.28 24.63
C ARG A 101 -8.67 -21.10 23.47
N LEU A 102 -8.36 -20.65 22.26
CA LEU A 102 -8.78 -21.37 21.07
C LEU A 102 -7.70 -22.34 20.62
N THR A 103 -7.93 -23.63 20.84
CA THR A 103 -6.97 -24.67 20.46
C THR A 103 -7.31 -25.26 19.10
N LYS A 104 -6.46 -26.19 18.64
CA LYS A 104 -6.77 -26.95 17.43
C LYS A 104 -8.06 -27.77 17.58
N ASP A 105 -8.22 -28.42 18.72
CA ASP A 105 -9.35 -29.29 18.98
C ASP A 105 -10.67 -28.53 19.14
N ILE A 106 -10.62 -27.40 19.84
CA ILE A 106 -11.79 -26.56 20.03
C ILE A 106 -12.26 -25.98 18.69
N ALA A 107 -11.32 -25.55 17.86
CA ALA A 107 -11.63 -25.00 16.54
C ALA A 107 -12.33 -26.03 15.68
N GLU A 108 -11.96 -27.30 15.87
CA GLU A 108 -12.55 -28.44 15.16
C GLU A 108 -14.02 -28.59 15.53
N GLY A 109 -14.30 -28.53 16.84
CA GLY A 109 -15.67 -28.57 17.32
C GLY A 109 -16.54 -27.40 16.85
N ILE A 110 -15.98 -26.19 16.91
CA ILE A 110 -16.68 -24.99 16.44
C ILE A 110 -16.96 -25.08 14.94
N GLU A 111 -15.94 -25.46 14.17
CA GLU A 111 -16.07 -25.56 12.71
C GLU A 111 -17.12 -26.60 12.31
N THR A 112 -17.21 -27.67 13.09
CA THR A 112 -18.27 -28.67 12.96
C THR A 112 -19.64 -28.11 13.37
N LEU A 113 -19.69 -27.41 14.51
CA LEU A 113 -20.92 -26.78 14.98
C LEU A 113 -21.44 -25.70 14.00
N TRP A 114 -20.52 -25.05 13.31
CA TRP A 114 -20.83 -24.06 12.27
C TRP A 114 -21.52 -24.67 11.03
N LYS A 115 -21.29 -25.97 10.80
CA LYS A 115 -21.85 -26.65 9.64
C LYS A 115 -23.21 -27.24 9.93
N ASP A 116 -23.66 -27.15 11.18
CA ASP A 116 -24.96 -27.69 11.55
C ASP A 116 -26.07 -26.78 10.99
N PRO A 117 -27.05 -27.36 10.28
CA PRO A 117 -28.13 -26.58 9.67
C PRO A 117 -28.97 -25.80 10.66
N ALA A 118 -29.07 -26.31 11.89
CA ALA A 118 -29.76 -25.57 12.94
C ALA A 118 -29.05 -24.24 13.32
N ILE A 119 -27.72 -24.25 13.32
CA ILE A 119 -26.95 -23.04 13.57
C ILE A 119 -27.14 -22.07 12.41
N GLN A 120 -27.22 -22.60 11.19
CA GLN A 120 -27.34 -21.76 10.00
C GLN A 120 -28.69 -21.10 9.91
N GLU A 121 -29.72 -21.85 10.31
CA GLU A 121 -31.07 -21.33 10.39
C GLU A 121 -31.12 -20.23 11.45
N THR A 122 -30.27 -20.33 12.47
CA THR A 122 -30.18 -19.31 13.50
C THR A 122 -29.47 -18.05 12.96
N ALA A 124 -29.30 -16.93 10.02
CA ALA A 124 -30.19 -16.25 9.06
C ALA A 124 -31.14 -15.25 9.72
N ARG A 125 -31.39 -15.46 11.01
CA ARG A 125 -32.26 -14.57 11.77
C ARG A 125 -31.40 -13.79 12.75
N GLY A 126 -30.11 -13.64 12.42
CA GLY A 126 -29.13 -13.00 13.30
C GLY A 126 -29.48 -11.59 13.74
N ASN A 127 -30.16 -10.83 12.86
CA ASN A 127 -30.56 -9.45 13.17
C ASN A 127 -31.54 -9.36 14.34
N GLU A 128 -32.22 -10.49 14.64
CA GLU A 128 -33.11 -10.61 15.80
C GLU A 128 -32.33 -11.00 17.05
N LEU A 129 -31.03 -11.15 16.89
CA LEU A 129 -30.14 -11.52 18.00
C LEU A 129 -28.98 -10.53 18.05
N GLN A 130 -28.05 -10.75 18.97
CA GLN A 130 -26.86 -9.87 19.11
C GLN A 130 -25.61 -10.51 18.49
N VAL A 131 -25.84 -11.39 17.54
CA VAL A 131 -24.82 -12.01 16.71
C VAL A 131 -24.05 -10.90 16.02
N PRO A 132 -22.74 -10.85 16.25
CA PRO A 132 -21.92 -9.78 15.67
C PRO A 132 -21.72 -9.93 14.15
N ASP A 133 -21.50 -8.79 13.48
CA ASP A 133 -21.26 -8.74 12.04
C ASP A 133 -20.02 -9.51 11.56
N THR A 135 -19.03 -12.29 12.36
CA THR A 135 -19.22 -13.73 12.64
C THR A 135 -18.70 -14.65 11.55
N LYS A 136 -19.10 -14.37 10.31
CA LYS A 136 -18.65 -15.09 9.13
C LYS A 136 -17.14 -15.03 8.99
N TYR A 137 -16.57 -13.85 9.17
CA TYR A 137 -15.14 -13.66 9.13
C TYR A 137 -14.42 -14.59 10.12
N LEU A 138 -14.82 -14.54 11.40
CA LEU A 138 -14.23 -15.41 12.44
C LEU A 138 -14.40 -16.89 12.09
N MET A 139 -15.61 -17.28 11.74
CA MET A 139 -15.89 -18.67 11.41
C MET A 139 -15.11 -19.16 10.18
N GLU A 140 -14.56 -18.23 9.40
CA GLU A 140 -13.80 -18.60 8.19
C GLU A 140 -12.28 -18.52 8.35
N ASN A 141 -11.82 -18.09 9.52
CA ASN A 141 -10.39 -17.97 9.79
C ASN A 141 -9.95 -18.77 11.01
N LEU A 142 -10.67 -19.84 11.31
CA LEU A 142 -10.38 -20.62 12.53
C LEU A 142 -9.02 -21.31 12.52
N LYS A 143 -8.69 -21.96 11.40
CA LYS A 143 -7.40 -22.63 11.25
C LYS A 143 -6.24 -21.70 11.55
N ARG A 144 -6.29 -20.51 10.95
CA ARG A 144 -5.27 -19.49 11.18
C ARG A 144 -5.24 -19.05 12.63
N LEU A 145 -6.42 -18.78 13.20
CA LEU A 145 -6.54 -18.21 14.55
C LEU A 145 -6.16 -19.20 15.65
N SER A 146 -6.44 -20.47 15.40
CA SER A 146 -6.13 -21.57 16.34
C SER A 146 -4.71 -22.15 16.21
N ASP A 147 -3.96 -21.67 15.20
CA ASP A 147 -2.57 -22.06 14.98
C ASP A 147 -1.70 -21.79 16.22
N ILE A 148 -0.81 -22.71 16.54
CA ILE A 148 -0.04 -22.65 17.79
C ILE A 148 0.79 -21.36 17.92
N ASN A 149 1.36 -20.91 16.81
CA ASN A 149 2.16 -19.69 16.78
C ASN A 149 1.40 -18.51 16.13
N TYR A 150 0.07 -18.48 16.32
CA TYR A 150 -0.79 -17.45 15.74
C TYR A 150 -0.30 -16.05 16.07
N ILE A 151 -0.14 -15.25 15.02
CA ILE A 151 0.12 -13.82 15.17
C ILE A 151 -0.99 -13.05 14.43
N PRO A 152 -1.72 -12.19 15.15
CA PRO A 152 -2.80 -11.43 14.49
C PRO A 152 -2.30 -10.43 13.43
N THR A 153 -3.05 -10.36 12.33
CA THR A 153 -2.84 -9.33 11.32
C THR A 153 -3.51 -8.02 11.77
N LYS A 154 -3.18 -6.91 11.08
CA LYS A 154 -3.86 -5.64 11.28
C LYS A 154 -5.38 -5.82 11.15
N GLU A 155 -5.79 -6.58 10.13
CA GLU A 155 -7.21 -6.88 9.90
C GLU A 155 -7.84 -7.53 11.13
N ASP A 156 -7.21 -8.58 11.65
CA ASP A 156 -7.67 -9.24 12.87
C ASP A 156 -7.87 -8.24 14.00
N VAL A 157 -6.85 -7.42 14.24
CA VAL A 157 -6.84 -6.49 15.38
C VAL A 157 -7.96 -5.45 15.30
N LEU A 158 -8.32 -5.09 14.08
CA LEU A 158 -9.32 -4.06 13.84
C LEU A 158 -10.71 -4.65 14.04
N TYR A 159 -10.87 -5.90 13.61
CA TYR A 159 -12.04 -6.69 13.95
C TYR A 159 -12.20 -6.89 15.45
N ALA A 160 -11.11 -7.22 16.15
CA ALA A 160 -11.15 -7.54 17.58
C ALA A 160 -12.04 -6.58 18.37
N ARG A 161 -12.96 -7.14 19.13
CA ARG A 161 -14.01 -6.37 19.74
C ARG A 161 -14.00 -6.41 21.26
N VAL A 162 -13.73 -5.24 21.84
CA VAL A 162 -13.84 -4.99 23.28
C VAL A 162 -14.78 -3.80 23.47
N ARG A 163 -15.75 -3.91 24.36
CA ARG A 163 -16.52 -2.72 24.76
C ARG A 163 -15.66 -1.78 25.59
N THR A 164 -15.57 -0.51 25.19
CA THR A 164 -14.69 0.43 25.89
C THR A 164 -15.31 0.88 27.19
N THR A 165 -14.56 0.79 28.28
CA THR A 165 -15.10 1.14 29.60
C THR A 165 -14.34 2.25 30.31
N GLY A 166 -13.28 2.77 29.69
CA GLY A 166 -12.56 3.91 30.25
C GLY A 166 -12.44 5.08 29.27
N VAL A 167 -11.46 5.95 29.48
CA VAL A 167 -11.23 7.09 28.60
C VAL A 167 -9.78 7.03 28.20
N VAL A 168 -9.53 6.99 26.90
CA VAL A 168 -8.18 6.87 26.37
C VAL A 168 -7.96 8.03 25.43
N GLU A 169 -6.73 8.53 25.46
CA GLU A 169 -6.31 9.73 24.78
C GLU A 169 -5.10 9.37 23.93
N ILE A 170 -5.04 9.85 22.70
CA ILE A 170 -3.79 9.87 21.96
C ILE A 170 -3.55 11.25 21.41
N GLN A 171 -2.30 11.54 21.11
CA GLN A 171 -1.92 12.80 20.57
C GLN A 171 -1.17 12.56 19.26
N PHE A 172 -1.50 13.35 18.26
CA PHE A 172 -0.83 13.26 16.96
C PHE A 172 -0.96 14.59 16.22
N SER A 173 0.02 14.87 15.38
CA SER A 173 -0.05 15.97 14.45
C SER A 173 0.00 15.35 13.07
N PRO A 174 -0.93 15.74 12.18
CA PRO A 174 -0.96 15.19 10.82
C PRO A 174 0.20 15.70 9.96
N VAL A 175 0.76 14.83 9.13
CA VAL A 175 1.88 15.16 8.22
C VAL A 175 2.93 16.08 8.87
N GLY A 182 3.52 23.75 15.33
CA GLY A 182 3.26 23.24 16.67
C GLY A 182 1.79 22.85 16.84
N GLU A 183 1.23 22.26 15.79
CA GLU A 183 -0.17 21.93 15.72
C GLU A 183 -0.38 20.47 16.13
N VAL A 184 -1.08 20.23 17.24
CA VAL A 184 -1.27 18.88 17.76
C VAL A 184 -2.76 18.58 18.02
N TYR A 185 -3.21 17.37 17.67
CA TYR A 185 -4.53 16.90 18.06
C TYR A 185 -4.49 16.02 19.31
N ARG A 186 -5.44 16.26 20.20
N ARG A 186 -5.36 16.36 20.26
CA ARG A 186 -5.64 15.44 21.39
CA ARG A 186 -5.76 15.49 21.37
C ARG A 186 -7.00 14.75 21.20
C ARG A 186 -7.01 14.78 20.92
N LEU A 187 -6.98 13.46 20.88
CA LEU A 187 -8.15 12.68 20.47
C LEU A 187 -8.56 11.73 21.60
N PHE A 188 -9.83 11.74 21.96
CA PHE A 188 -10.32 10.94 23.07
C PHE A 188 -11.30 9.87 22.58
N ASP A 189 -11.08 8.64 23.03
CA ASP A 189 -11.98 7.52 22.81
C ASP A 189 -12.66 7.21 24.14
N VAL A 190 -13.96 6.92 24.08
CA VAL A 190 -14.80 6.69 25.25
C VAL A 190 -15.87 5.65 24.84
N GLY A 191 -16.43 4.91 25.79
CA GLY A 191 -17.52 3.96 25.51
C GLY A 191 -18.83 4.66 25.11
N GLY A 192 -19.62 4.01 24.28
CA GLY A 192 -20.90 4.59 23.83
C GLY A 192 -22.15 3.84 24.28
N GLN A 193 -21.97 2.69 24.90
CA GLN A 193 -23.12 2.04 25.52
C GLN A 193 -23.65 2.96 26.59
N ARG A 194 -24.96 2.87 26.84
CA ARG A 194 -25.69 3.83 27.66
C ARG A 194 -25.03 4.17 28.99
N ASN A 195 -24.59 3.16 29.71
CA ASN A 195 -23.94 3.37 30.99
C ASN A 195 -22.59 4.12 30.89
N GLU A 196 -21.84 3.89 29.81
CA GLU A 196 -20.58 4.63 29.58
C GLU A 196 -20.79 6.10 29.23
N ARG A 197 -21.95 6.45 28.70
CA ARG A 197 -22.29 7.83 28.36
C ARG A 197 -22.32 8.75 29.58
N ARG A 198 -22.42 8.19 30.78
CA ARG A 198 -22.39 9.03 31.98
C ARG A 198 -21.06 9.78 32.06
N LYS A 199 -20.06 9.24 31.38
CA LYS A 199 -18.70 9.76 31.42
C LYS A 199 -18.49 10.90 30.44
N TRP A 200 -19.46 11.07 29.54
CA TRP A 200 -19.30 11.96 28.40
C TRP A 200 -19.14 13.43 28.85
N ILE A 201 -20.09 13.92 29.64
CA ILE A 201 -20.18 15.34 29.93
C ILE A 201 -18.87 15.91 30.44
N HIS A 202 -18.16 15.17 31.28
CA HIS A 202 -16.92 15.70 31.83
C HIS A 202 -15.80 15.84 30.78
N LEU A 203 -16.05 15.37 29.55
CA LEU A 203 -15.11 15.49 28.44
C LEU A 203 -15.45 16.63 27.46
N PHE A 204 -16.56 17.31 27.72
CA PHE A 204 -17.19 18.23 26.76
C PHE A 204 -16.63 19.65 26.68
N GLU A 205 -15.70 19.99 27.58
CA GLU A 205 -15.08 21.32 27.62
C GLU A 205 -14.00 21.49 26.56
N GLY A 206 -14.02 22.63 25.87
CA GLY A 206 -12.93 23.03 24.96
C GLY A 206 -12.70 22.11 23.77
N VAL A 207 -13.80 21.61 23.19
CA VAL A 207 -13.72 20.64 22.10
C VAL A 207 -13.74 21.35 20.76
N THR A 208 -12.68 21.15 19.98
CA THR A 208 -12.59 21.65 18.62
C THR A 208 -13.55 20.95 17.63
N ALA A 209 -13.61 19.62 17.69
CA ALA A 209 -14.50 18.86 16.83
C ALA A 209 -15.00 17.61 17.53
N VAL A 210 -16.29 17.31 17.34
CA VAL A 210 -16.82 16.00 17.69
C VAL A 210 -16.81 15.14 16.41
N ILE A 211 -16.22 13.96 16.49
CA ILE A 211 -16.29 12.97 15.42
C ILE A 211 -17.37 12.00 15.91
N PHE A 212 -18.58 12.13 15.35
CA PHE A 212 -19.72 11.32 15.75
C PHE A 212 -19.81 10.14 14.80
N CYS A 213 -19.70 8.92 15.33
CA CYS A 213 -19.85 7.71 14.53
C CYS A 213 -21.29 7.20 14.57
N ALA A 214 -21.89 7.07 13.39
CA ALA A 214 -23.23 6.52 13.21
C ALA A 214 -23.12 5.28 12.34
N ALA A 215 -23.45 4.12 12.90
CA ALA A 215 -23.38 2.87 12.14
C ALA A 215 -24.65 2.72 11.31
N ILE A 216 -24.59 3.09 10.02
CA ILE A 216 -25.78 3.12 9.16
C ILE A 216 -26.30 1.73 8.79
N SER A 217 -25.48 0.71 8.97
CA SER A 217 -25.86 -0.68 8.72
C SER A 217 -26.83 -1.28 9.78
N GLU A 218 -27.07 -0.60 10.90
CA GLU A 218 -27.83 -1.17 12.01
C GLU A 218 -29.36 -0.98 11.93
N TYR A 219 -29.89 -0.59 10.78
CA TYR A 219 -31.31 -0.22 10.69
C TYR A 219 -32.31 -1.36 10.96
N ASP A 220 -31.84 -2.60 10.90
CA ASP A 220 -32.68 -3.76 11.23
C ASP A 220 -32.24 -4.49 12.51
N GLN A 221 -31.48 -3.80 13.33
CA GLN A 221 -30.92 -4.40 14.55
C GLN A 221 -31.46 -3.71 15.77
N THR A 222 -31.42 -4.40 16.92
CA THR A 222 -31.78 -3.80 18.20
C THR A 222 -30.60 -3.68 19.19
N LEU A 223 -30.73 -2.87 20.24
CA LEU A 223 -29.62 -2.58 21.15
C LEU A 223 -29.23 -3.74 22.03
N PHE A 224 -27.94 -3.79 22.35
CA PHE A 224 -27.46 -4.65 23.41
C PHE A 224 -28.18 -4.31 24.71
N GLU A 225 -28.34 -3.02 24.99
CA GLU A 225 -28.89 -2.55 26.27
C GLU A 225 -30.38 -2.88 26.40
N ASP A 226 -31.08 -2.85 25.27
CA ASP A 226 -32.53 -3.04 25.24
C ASP A 226 -32.88 -3.64 23.92
N GLU A 227 -33.16 -4.94 23.93
CA GLU A 227 -33.36 -5.68 22.68
C GLU A 227 -34.66 -5.34 21.96
N GLN A 228 -35.50 -4.52 22.59
CA GLN A 228 -36.71 -4.02 21.92
C GLN A 228 -36.49 -2.70 21.16
N LYS A 229 -35.36 -2.03 21.42
CA LYS A 229 -35.07 -0.73 20.82
C LYS A 229 -34.25 -0.84 19.54
N ASN A 230 -34.81 -0.36 18.44
CA ASN A 230 -34.11 -0.32 17.18
C ASN A 230 -32.80 0.48 17.28
N ARG A 231 -31.71 -0.06 16.75
CA ARG A 231 -30.38 0.59 16.88
C ARG A 231 -30.28 1.93 16.15
N MET A 232 -30.82 2.02 14.94
CA MET A 232 -30.81 3.29 14.21
C MET A 232 -31.66 4.36 14.93
N MET A 233 -32.76 3.98 15.57
CA MET A 233 -33.51 4.98 16.33
C MET A 233 -32.70 5.55 17.50
N GLU A 234 -31.94 4.70 18.18
CA GLU A 234 -31.05 5.15 19.24
C GLU A 234 -30.01 6.12 18.69
N THR A 235 -29.40 5.81 17.56
CA THR A 235 -28.37 6.66 16.97
C THR A 235 -28.96 8.04 16.62
N LYS A 236 -30.14 8.01 15.98
CA LYS A 236 -30.90 9.21 15.70
C LYS A 236 -31.08 10.04 16.95
N GLU A 237 -31.61 9.44 18.00
CA GLU A 237 -31.92 10.19 19.22
C GLU A 237 -30.66 10.68 19.96
N LEU A 238 -29.61 9.85 19.92
CA LEU A 238 -28.31 10.19 20.52
C LEU A 238 -27.60 11.39 19.82
N PHE A 239 -27.55 11.38 18.49
CA PHE A 239 -26.97 12.47 17.68
C PHE A 239 -27.72 13.80 17.98
N ASP A 240 -29.05 13.69 18.00
CA ASP A 240 -29.98 14.74 18.32
C ASP A 240 -29.56 15.35 19.66
N TRP A 241 -29.34 14.49 20.68
CA TRP A 241 -28.96 14.93 22.03
C TRP A 241 -27.58 15.60 22.06
N VAL A 242 -26.62 15.06 21.32
CA VAL A 242 -25.29 15.63 21.29
C VAL A 242 -25.32 17.07 20.73
N LEU A 243 -26.14 17.27 19.70
CA LEU A 243 -26.22 18.53 18.97
C LEU A 243 -26.77 19.69 19.78
N LYS A 244 -27.48 19.38 20.86
CA LYS A 244 -28.12 20.40 21.65
C LYS A 244 -27.28 20.80 22.86
N GLN A 245 -26.15 20.13 23.08
CA GLN A 245 -25.30 20.44 24.25
C GLN A 245 -24.68 21.83 24.12
N PRO A 246 -24.89 22.69 25.13
CA PRO A 246 -24.37 24.06 25.14
C PRO A 246 -22.87 24.18 24.92
N CYS A 247 -22.08 23.22 25.40
N CYS A 247 -22.11 23.18 25.40
CA CYS A 247 -20.64 23.28 25.24
CA CYS A 247 -20.65 23.14 25.27
C CYS A 247 -20.24 23.21 23.76
C CYS A 247 -20.20 23.06 23.81
N PHE A 248 -21.12 22.68 22.92
CA PHE A 248 -20.80 22.47 21.50
C PHE A 248 -21.24 23.62 20.56
N GLU A 249 -21.58 24.76 21.14
CA GLU A 249 -22.00 25.96 20.38
C GLU A 249 -21.10 26.24 19.17
N LYS A 250 -19.79 26.12 19.36
CA LYS A 250 -18.83 26.48 18.30
C LYS A 250 -18.05 25.30 17.75
N THR A 251 -18.29 24.12 18.31
CA THR A 251 -17.60 22.88 17.97
C THR A 251 -17.94 22.40 16.55
N SER A 252 -16.93 21.96 15.80
CA SER A 252 -17.18 21.38 14.49
C SER A 252 -17.76 19.96 14.63
N PHE A 253 -18.68 19.59 13.75
CA PHE A 253 -19.24 18.23 13.77
C PHE A 253 -18.84 17.45 12.53
N MET A 254 -18.07 16.39 12.74
CA MET A 254 -17.66 15.50 11.65
C MET A 254 -18.46 14.23 11.82
N LEU A 255 -19.44 14.02 10.94
CA LEU A 255 -20.34 12.87 11.05
C LEU A 255 -19.84 11.75 10.13
N PHE A 256 -19.41 10.65 10.74
CA PHE A 256 -18.98 9.46 10.03
C PHE A 256 -20.16 8.51 9.94
N LEU A 257 -20.70 8.38 8.75
CA LEU A 257 -21.74 7.42 8.49
C LEU A 257 -20.94 6.18 8.18
N ASN A 258 -20.79 5.36 9.21
CA ASN A 258 -19.84 4.24 9.25
C ASN A 258 -20.46 2.88 8.94
N LYS A 259 -19.60 1.89 8.67
CA LYS A 259 -20.01 0.53 8.25
C LYS A 259 -20.73 0.55 6.92
N PHE A 260 -20.24 1.40 6.02
CA PHE A 260 -20.80 1.42 4.67
C PHE A 260 -20.64 0.08 3.94
N ASP A 261 -19.50 -0.59 4.13
CA ASP A 261 -19.28 -1.96 3.60
C ASP A 261 -20.42 -2.94 3.98
N ILE A 262 -20.91 -2.89 5.22
CA ILE A 262 -22.04 -3.74 5.61
C ILE A 262 -23.38 -3.25 5.02
N PHE A 263 -23.59 -1.94 5.10
CA PHE A 263 -24.75 -1.28 4.51
C PHE A 263 -24.93 -1.62 3.01
N GLU A 264 -23.85 -1.55 2.25
CA GLU A 264 -23.83 -2.00 0.83
C GLU A 264 -24.43 -3.37 0.54
N LYS A 265 -24.16 -4.35 1.41
CA LYS A 265 -24.67 -5.69 1.16
C LYS A 265 -26.11 -5.72 1.61
N LYS A 266 -26.38 -5.13 2.78
CA LYS A 266 -27.63 -5.32 3.46
C LYS A 266 -28.83 -4.69 2.70
N VAL A 267 -28.65 -3.51 2.11
CA VAL A 267 -29.78 -2.73 1.57
C VAL A 267 -30.54 -3.37 0.42
N LEU A 268 -29.87 -4.26 -0.31
CA LEU A 268 -30.49 -4.98 -1.42
C LEU A 268 -31.22 -6.23 -0.96
N ASP A 269 -31.08 -6.58 0.33
CA ASP A 269 -31.75 -7.74 0.92
C ASP A 269 -32.79 -7.37 1.99
N VAL A 270 -32.52 -6.33 2.78
CA VAL A 270 -33.42 -5.89 3.85
C VAL A 270 -33.84 -4.44 3.56
N PRO A 271 -35.15 -4.21 3.33
CA PRO A 271 -35.54 -2.83 3.01
C PRO A 271 -35.24 -1.89 4.16
N LEU A 272 -34.80 -0.68 3.83
CA LEU A 272 -34.62 0.38 4.81
C LEU A 272 -35.86 0.58 5.66
N ASN A 273 -37.03 0.37 5.02
CA ASN A 273 -38.37 0.58 5.60
C ASN A 273 -38.65 -0.15 6.91
N VAL A 274 -37.83 -1.15 7.26
CA VAL A 274 -38.03 -1.84 8.54
C VAL A 274 -37.66 -0.95 9.74
N CYS A 275 -36.86 0.07 9.52
CA CYS A 275 -36.56 1.07 10.56
C CYS A 275 -37.60 2.19 10.49
N GLU A 276 -38.05 2.65 11.66
CA GLU A 276 -39.19 3.60 11.73
C GLU A 276 -38.87 4.92 11.01
N TRP A 277 -37.65 5.42 11.20
CA TRP A 277 -37.17 6.64 10.62
C TRP A 277 -37.19 6.61 9.07
N PHE A 278 -37.06 5.42 8.50
CA PHE A 278 -36.87 5.26 7.06
C PHE A 278 -38.12 4.63 6.46
N ARG A 279 -39.20 4.67 7.21
CA ARG A 279 -40.49 4.07 6.88
C ARG A 279 -41.01 4.35 5.46
N ASP A 280 -40.69 5.52 4.92
CA ASP A 280 -41.27 5.96 3.65
C ASP A 280 -40.31 5.80 2.46
N TYR A 281 -39.18 5.16 2.71
CA TYR A 281 -38.21 4.90 1.67
C TYR A 281 -38.81 4.15 0.51
N GLN A 282 -38.53 4.62 -0.70
CA GLN A 282 -38.95 3.98 -1.95
C GLN A 282 -37.75 3.61 -2.80
N PRO A 283 -37.51 2.31 -3.01
CA PRO A 283 -36.45 1.85 -3.92
C PRO A 283 -36.74 2.26 -5.38
N VAL A 284 -35.68 2.58 -6.14
CA VAL A 284 -35.85 3.03 -7.53
C VAL A 284 -35.13 2.23 -8.60
N SER A 285 -34.12 1.47 -8.22
CA SER A 285 -33.31 0.77 -9.23
C SER A 285 -32.85 -0.59 -8.73
N SER A 286 -31.68 -1.02 -9.20
CA SER A 286 -31.02 -2.22 -8.69
C SER A 286 -29.53 -1.94 -8.52
N GLY A 287 -28.80 -2.87 -7.90
CA GLY A 287 -27.35 -2.79 -7.81
C GLY A 287 -26.82 -1.47 -7.26
N LYS A 288 -25.72 -1.00 -7.83
CA LYS A 288 -25.03 0.17 -7.30
C LYS A 288 -25.85 1.47 -7.36
N GLN A 289 -26.66 1.64 -8.40
CA GLN A 289 -27.63 2.74 -8.45
C GLN A 289 -28.51 2.75 -7.20
N GLU A 290 -29.04 1.58 -6.84
CA GLU A 290 -29.96 1.47 -5.70
C GLU A 290 -29.25 1.71 -4.38
N ILE A 291 -28.04 1.18 -4.26
CA ILE A 291 -27.23 1.37 -3.07
C ILE A 291 -27.00 2.85 -2.82
N GLU A 292 -26.62 3.57 -3.87
CA GLU A 292 -26.39 5.01 -3.76
C GLU A 292 -27.69 5.77 -3.50
N HIS A 293 -28.78 5.39 -4.14
CA HIS A 293 -30.08 5.96 -3.79
C HIS A 293 -30.35 5.83 -2.27
N ALA A 294 -30.16 4.63 -1.75
CA ALA A 294 -30.41 4.32 -0.34
C ALA A 294 -29.47 5.08 0.58
N TYR A 295 -28.21 5.16 0.18
CA TYR A 295 -27.23 5.92 0.94
C TYR A 295 -27.63 7.37 1.00
N GLU A 296 -27.92 7.97 -0.14
CA GLU A 296 -28.30 9.38 -0.17
C GLU A 296 -29.57 9.65 0.63
N PHE A 297 -30.49 8.69 0.68
CA PHE A 297 -31.69 8.85 1.50
C PHE A 297 -31.34 8.90 3.00
N VAL A 298 -30.49 7.97 3.45
CA VAL A 298 -30.03 7.93 4.84
C VAL A 298 -29.27 9.23 5.21
N LYS A 299 -28.36 9.63 4.32
CA LYS A 299 -27.55 10.82 4.54
C LYS A 299 -28.44 12.05 4.69
N LYS A 300 -29.41 12.18 3.80
CA LYS A 300 -30.38 13.25 3.86
C LYS A 300 -31.19 13.22 5.18
N LYS A 301 -31.53 12.04 5.69
CA LYS A 301 -32.21 11.97 6.97
C LYS A 301 -31.35 12.58 8.09
N PHE A 302 -30.04 12.27 8.06
CA PHE A 302 -29.08 12.80 9.04
C PHE A 302 -28.85 14.31 8.87
N GLU A 303 -28.68 14.77 7.64
CA GLU A 303 -28.59 16.22 7.39
C GLU A 303 -29.79 16.96 7.97
N GLU A 304 -31.00 16.48 7.65
CA GLU A 304 -32.22 17.12 8.12
C GLU A 304 -32.27 17.10 9.63
N LEU A 305 -31.87 15.96 10.22
CA LEU A 305 -31.83 15.86 11.67
C LEU A 305 -30.90 16.95 12.21
N TYR A 306 -29.73 17.11 11.58
CA TYR A 306 -28.77 18.11 12.06
C TYR A 306 -29.40 19.52 12.05
N TYR A 307 -29.92 19.94 10.91
CA TYR A 307 -30.49 21.30 10.84
C TYR A 307 -31.74 21.50 11.68
N GLN A 308 -32.54 20.44 11.83
CA GLN A 308 -33.72 20.48 12.69
C GLN A 308 -33.33 20.82 14.13
N ASN A 309 -32.12 20.42 14.54
CA ASN A 309 -31.70 20.50 15.94
C ASN A 309 -30.59 21.49 16.27
N THR A 310 -30.23 22.32 15.30
CA THR A 310 -29.17 23.28 15.50
C THR A 310 -29.79 24.68 15.47
N ALA A 311 -29.73 25.35 16.62
CA ALA A 311 -30.39 26.63 16.83
C ALA A 311 -29.57 27.74 16.16
N PRO A 312 -30.16 28.93 15.96
CA PRO A 312 -29.47 29.98 15.22
C PRO A 312 -28.11 30.44 15.80
N ASP A 313 -27.94 30.43 17.13
CA ASP A 313 -26.67 30.84 17.73
C ASP A 313 -25.57 29.76 17.61
N ARG A 314 -25.86 28.72 16.85
CA ARG A 314 -24.97 27.59 16.65
C ARG A 314 -24.87 27.22 15.18
N VAL A 315 -25.77 27.74 14.33
CA VAL A 315 -25.84 27.27 12.93
C VAL A 315 -24.58 27.56 12.10
N ASP A 316 -23.74 28.48 12.56
CA ASP A 316 -22.51 28.80 11.85
C ASP A 316 -21.39 27.76 11.99
N ARG A 317 -21.52 26.83 12.97
CA ARG A 317 -20.44 25.86 13.23
C ARG A 317 -20.27 24.94 12.02
N VAL A 318 -19.09 24.36 11.87
CA VAL A 318 -18.81 23.48 10.75
C VAL A 318 -19.59 22.17 10.88
N PHE A 319 -20.12 21.65 9.78
CA PHE A 319 -20.76 20.36 9.83
C PHE A 319 -20.47 19.61 8.54
N LYS A 320 -19.86 18.44 8.68
CA LYS A 320 -19.47 17.64 7.51
C LYS A 320 -19.88 16.19 7.68
N ILE A 321 -20.17 15.54 6.55
CA ILE A 321 -20.53 14.15 6.56
C ILE A 321 -19.54 13.37 5.68
N TYR A 322 -19.13 12.20 6.15
CA TYR A 322 -18.24 11.31 5.40
C TYR A 322 -18.80 9.91 5.49
N ARG A 323 -18.78 9.18 4.38
CA ARG A 323 -19.18 7.79 4.37
C ARG A 323 -17.93 7.00 4.70
N THR A 324 -17.96 6.15 5.73
CA THR A 324 -16.73 5.48 6.15
C THR A 324 -16.92 3.97 6.31
N THR A 325 -15.81 3.26 6.17
CA THR A 325 -15.67 1.89 6.60
C THR A 325 -14.41 1.98 7.44
N ALA A 326 -14.59 1.89 8.76
CA ALA A 326 -13.50 2.05 9.73
C ALA A 326 -12.38 1.00 9.59
N LEU A 327 -12.71 -0.17 9.08
CA LEU A 327 -11.71 -1.20 8.80
C LEU A 327 -10.79 -0.87 7.60
N ASP A 328 -11.21 0.08 6.77
CA ASP A 328 -10.45 0.41 5.54
C ASP A 328 -9.41 1.49 5.83
N GLN A 329 -8.16 1.09 5.88
CA GLN A 329 -7.06 1.96 6.25
C GLN A 329 -6.88 3.16 5.29
N LYS A 330 -6.90 2.89 3.97
CA LYS A 330 -6.79 3.96 2.94
C LYS A 330 -7.93 4.97 3.03
N LEU A 331 -9.15 4.49 3.25
CA LEU A 331 -10.31 5.38 3.38
C LEU A 331 -10.27 6.22 4.66
N VAL A 332 -9.83 5.63 5.77
CA VAL A 332 -9.71 6.43 6.99
C VAL A 332 -8.61 7.49 6.85
N LYS A 333 -7.48 7.13 6.23
CA LYS A 333 -6.40 8.10 5.92
C LYS A 333 -6.91 9.31 5.13
N LYS A 334 -7.54 9.02 3.98
CA LYS A 334 -8.13 10.06 3.12
C LYS A 334 -9.25 10.86 3.81
N THR A 335 -10.08 10.19 4.62
CA THR A 335 -11.11 10.87 5.41
C THR A 335 -10.50 11.82 6.43
N PHE A 336 -9.50 11.35 7.17
CA PHE A 336 -8.85 12.21 8.16
C PHE A 336 -8.11 13.45 7.60
N LYS A 337 -7.60 13.33 6.37
CA LYS A 337 -6.97 14.47 5.71
C LYS A 337 -8.00 15.56 5.41
N LEU A 338 -9.16 15.14 4.90
CA LEU A 338 -10.27 16.07 4.63
C LEU A 338 -10.72 16.78 5.89
N VAL A 339 -10.87 16.01 6.97
CA VAL A 339 -11.24 16.57 8.26
C VAL A 339 -10.21 17.60 8.74
N ASP A 340 -8.93 17.28 8.63
CA ASP A 340 -7.86 18.18 9.08
C ASP A 340 -7.84 19.49 8.29
N GLU A 341 -7.97 19.42 6.95
CA GLU A 341 -8.02 20.63 6.11
C GLU A 341 -9.17 21.52 6.55
N THR A 342 -10.34 20.92 6.71
CA THR A 342 -11.54 21.62 7.13
C THR A 342 -11.37 22.34 8.47
N LEU A 343 -10.84 21.63 9.47
CA LEU A 343 -10.52 22.22 10.79
C LEU A 343 -9.47 23.34 10.71
N ARG A 344 -8.37 23.11 9.99
CA ARG A 344 -7.39 24.18 9.77
C ARG A 344 -8.01 25.40 9.10
N ARG A 345 -8.73 25.19 7.98
CA ARG A 345 -9.31 26.31 7.25
C ARG A 345 -10.25 27.12 8.14
N ARG A 346 -11.01 26.41 8.98
CA ARG A 346 -11.93 27.06 9.90
C ARG A 346 -11.23 27.88 10.99
N ASN A 347 -10.22 27.29 11.64
CA ASN A 347 -9.48 28.00 12.68
C ASN A 347 -8.82 29.27 12.12
N LEU A 348 -8.37 29.18 10.88
CA LEU A 348 -7.74 30.30 10.17
C LEU A 348 -8.76 31.38 9.82
N LEU A 349 -10.02 30.98 9.64
CA LEU A 349 -11.12 31.90 9.41
C LEU A 349 -11.44 32.73 10.65
N GLU A 350 -11.58 32.09 11.80
CA GLU A 350 -11.84 32.81 13.06
C GLU A 350 -10.58 33.41 13.72
N ALA A 351 -9.71 34.00 12.90
CA ALA A 351 -8.48 34.65 13.38
C ALA A 351 -8.23 36.02 12.72
N ILE B 9 -1.11 -23.76 -24.31
CA ILE B 9 -0.97 -22.28 -24.48
C ILE B 9 -2.20 -21.66 -25.15
N ARG B 10 -2.90 -20.82 -24.39
CA ARG B 10 -4.09 -20.15 -24.90
C ARG B 10 -3.72 -18.75 -25.37
N LYS B 11 -3.95 -18.47 -26.65
CA LYS B 11 -3.62 -17.19 -27.25
C LYS B 11 -4.66 -16.11 -26.93
N LEU B 12 -4.23 -15.02 -26.30
CA LEU B 12 -5.11 -13.87 -26.05
C LEU B 12 -4.68 -12.71 -26.92
N LEU B 13 -5.66 -12.05 -27.55
CA LEU B 13 -5.37 -10.92 -28.46
C LEU B 13 -6.03 -9.64 -27.97
N LEU B 14 -5.23 -8.60 -27.74
CA LEU B 14 -5.75 -7.28 -27.38
C LEU B 14 -6.11 -6.50 -28.65
N LEU B 15 -7.37 -6.11 -28.73
CA LEU B 15 -7.86 -5.27 -29.82
C LEU B 15 -8.60 -4.04 -29.25
N GLY B 16 -8.72 -3.01 -30.06
CA GLY B 16 -9.39 -1.78 -29.64
C GLY B 16 -8.82 -0.62 -30.44
N ALA B 17 -9.48 0.53 -30.42
CA ALA B 17 -9.06 1.68 -31.21
C ALA B 17 -7.84 2.30 -30.55
N GLY B 18 -7.20 3.25 -31.23
CA GLY B 18 -6.09 3.98 -30.66
C GLY B 18 -6.37 4.56 -29.28
N GLU B 19 -5.38 4.43 -28.38
CA GLU B 19 -5.43 4.98 -27.02
C GLU B 19 -6.51 4.33 -26.12
N SER B 20 -7.02 3.16 -26.49
CA SER B 20 -8.08 2.55 -25.70
C SER B 20 -7.60 1.92 -24.40
N GLY B 21 -6.30 1.68 -24.28
CA GLY B 21 -5.75 1.11 -23.05
C GLY B 21 -5.08 -0.24 -23.22
N LYS B 22 -4.89 -0.68 -24.47
CA LYS B 22 -4.32 -2.01 -24.78
C LYS B 22 -2.90 -2.25 -24.19
N SER B 23 -1.97 -1.34 -24.47
CA SER B 23 -0.61 -1.45 -23.97
C SER B 23 -0.54 -1.29 -22.44
N THR B 24 -1.48 -0.53 -21.89
CA THR B 24 -1.56 -0.35 -20.44
C THR B 24 -1.98 -1.65 -19.75
N ILE B 25 -2.94 -2.36 -20.33
CA ILE B 25 -3.37 -3.66 -19.81
C ILE B 25 -2.15 -4.59 -19.91
N PHE B 26 -1.55 -4.64 -21.09
CA PHE B 26 -0.32 -5.41 -21.34
C PHE B 26 0.78 -5.17 -20.28
N LYS B 27 1.06 -3.90 -19.96
CA LYS B 27 2.09 -3.60 -18.97
C LYS B 27 1.69 -4.13 -17.60
N GLN B 28 0.39 -4.03 -17.27
CA GLN B 28 -0.14 -4.52 -15.98
C GLN B 28 0.07 -6.02 -15.83
N ILE B 29 -0.19 -6.76 -16.91
CA ILE B 29 0.08 -8.20 -16.99
C ILE B 29 1.55 -8.52 -16.77
N LYS B 30 2.41 -7.75 -17.44
CA LYS B 30 3.85 -7.88 -17.27
C LYS B 30 4.24 -7.68 -15.80
N LEU B 31 3.62 -6.70 -15.15
CA LEU B 31 3.93 -6.39 -13.75
C LEU B 31 3.35 -7.40 -12.75
N LEU B 32 2.25 -8.05 -13.13
CA LEU B 32 1.51 -8.94 -12.25
C LEU B 32 1.88 -10.42 -12.32
N PHE B 33 2.13 -10.93 -13.53
CA PHE B 33 2.38 -12.36 -13.72
C PHE B 33 3.64 -12.65 -14.50
N GLN B 34 4.62 -11.76 -14.41
CA GLN B 34 5.89 -11.90 -15.11
C GLN B 34 6.94 -11.13 -14.33
N THR B 35 8.08 -10.87 -14.97
CA THR B 35 9.26 -10.32 -14.29
C THR B 35 9.17 -8.81 -14.08
N GLY B 36 8.14 -8.19 -14.63
CA GLY B 36 8.02 -6.73 -14.66
C GLY B 36 9.02 -6.17 -15.66
N PHE B 37 9.48 -4.95 -15.40
CA PHE B 37 10.48 -4.32 -16.26
C PHE B 37 11.85 -4.35 -15.59
N ASP B 38 12.87 -4.84 -16.31
CA ASP B 38 14.25 -4.74 -15.83
C ASP B 38 14.78 -3.32 -16.05
N GLU B 39 15.83 -2.94 -15.33
CA GLU B 39 16.42 -1.59 -15.46
C GLU B 39 16.57 -1.19 -16.93
N GLY B 40 16.95 -2.17 -17.77
CA GLY B 40 17.01 -2.01 -19.22
C GLY B 40 15.73 -1.47 -19.83
N GLU B 41 14.61 -2.17 -19.61
CA GLU B 41 13.30 -1.76 -20.13
C GLU B 41 12.80 -0.45 -19.54
N LEU B 42 13.12 -0.20 -18.27
CA LEU B 42 12.71 1.04 -17.61
C LEU B 42 13.37 2.24 -18.26
N LYS B 43 14.66 2.10 -18.58
CA LYS B 43 15.42 3.13 -19.28
C LYS B 43 14.81 3.43 -20.65
N SER B 44 14.33 2.38 -21.31
CA SER B 44 13.59 2.51 -22.57
C SER B 44 12.50 3.58 -22.51
N TYR B 45 11.83 3.71 -21.37
CA TYR B 45 10.67 4.62 -21.24
C TYR B 45 11.04 6.08 -20.95
N VAL B 46 12.28 6.30 -20.52
CA VAL B 46 12.78 7.64 -20.21
C VAL B 46 12.54 8.63 -21.36
N PRO B 47 13.03 8.33 -22.58
CA PRO B 47 12.78 9.29 -23.67
C PRO B 47 11.30 9.45 -24.01
N VAL B 48 10.49 8.42 -23.79
CA VAL B 48 9.04 8.49 -24.02
C VAL B 48 8.39 9.44 -23.02
N ILE B 49 8.64 9.19 -21.72
CA ILE B 49 8.05 9.99 -20.66
C ILE B 49 8.44 11.45 -20.87
N HIS B 50 9.72 11.66 -21.18
CA HIS B 50 10.22 13.00 -21.43
C HIS B 50 9.53 13.65 -22.62
N ALA B 51 9.39 12.90 -23.71
CA ALA B 51 8.64 13.37 -24.87
C ALA B 51 7.21 13.81 -24.49
N ASN B 52 6.54 13.02 -23.63
CA ASN B 52 5.19 13.35 -23.14
C ASN B 52 5.16 14.70 -22.43
N VAL B 53 6.22 14.98 -21.65
CA VAL B 53 6.35 16.26 -20.94
C VAL B 53 6.35 17.41 -21.93
N TYR B 54 7.26 17.37 -22.89
CA TYR B 54 7.32 18.36 -23.96
C TYR B 54 5.99 18.51 -24.69
N GLN B 55 5.40 17.38 -25.08
CA GLN B 55 4.16 17.37 -25.85
C GLN B 55 3.00 17.99 -25.09
N THR B 56 2.90 17.65 -23.81
CA THR B 56 1.85 18.19 -22.91
C THR B 56 1.94 19.73 -22.74
N ILE B 57 3.13 20.23 -22.43
CA ILE B 57 3.30 21.67 -22.22
C ILE B 57 3.13 22.47 -23.52
N LYS B 58 3.63 21.92 -24.64
CA LYS B 58 3.49 22.55 -25.95
C LYS B 58 2.02 22.71 -26.29
N LEU B 59 1.25 21.66 -26.02
CA LEU B 59 -0.20 21.66 -26.22
C LEU B 59 -0.89 22.68 -25.32
N LEU B 60 -0.40 22.81 -24.08
CA LEU B 60 -0.92 23.81 -23.15
C LEU B 60 -0.55 25.24 -23.52
N HIS B 61 0.66 25.44 -24.07
CA HIS B 61 1.12 26.74 -24.55
C HIS B 61 0.27 27.21 -25.73
N ASP B 62 0.09 26.34 -26.73
CA ASP B 62 -0.65 26.65 -27.95
C ASP B 62 -2.14 26.89 -27.69
N GLY B 63 -2.71 26.10 -26.79
CA GLY B 63 -4.10 26.30 -26.35
C GLY B 63 -4.31 27.60 -25.58
N THR B 64 -3.30 28.00 -24.82
CA THR B 64 -3.32 29.29 -24.12
C THR B 64 -3.11 30.43 -25.12
N LYS B 65 -2.27 30.20 -26.13
CA LYS B 65 -2.08 31.17 -27.21
C LYS B 65 -3.39 31.44 -27.94
N GLU B 66 -4.12 30.37 -28.29
CA GLU B 66 -5.38 30.53 -29.05
C GLU B 66 -6.55 31.10 -28.23
N PHE B 67 -6.50 30.92 -26.90
CA PHE B 67 -7.48 31.54 -26.02
C PHE B 67 -7.10 32.98 -25.70
N PRO B 100 15.72 15.16 -28.20
CA PRO B 100 15.48 16.10 -27.10
C PRO B 100 15.63 15.43 -25.73
N ARG B 101 16.40 16.07 -24.85
CA ARG B 101 16.71 15.49 -23.53
C ARG B 101 16.32 16.42 -22.39
N LEU B 102 15.62 15.89 -21.39
CA LEU B 102 15.18 16.71 -20.25
C LEU B 102 16.28 16.90 -19.20
N THR B 103 16.37 18.13 -18.69
CA THR B 103 17.31 18.51 -17.64
C THR B 103 16.59 19.32 -16.57
N LYS B 104 17.20 19.46 -15.40
CA LYS B 104 16.70 20.34 -14.34
C LYS B 104 16.46 21.75 -14.87
N ASP B 105 17.40 22.23 -15.69
CA ASP B 105 17.37 23.55 -16.30
C ASP B 105 16.07 23.77 -17.09
N ILE B 106 15.85 22.91 -18.08
CA ILE B 106 14.69 23.03 -18.96
C ILE B 106 13.39 22.69 -18.23
N ALA B 107 13.51 21.95 -17.13
CA ALA B 107 12.38 21.55 -16.29
C ALA B 107 11.77 22.73 -15.54
N GLU B 108 12.61 23.62 -15.03
CA GLU B 108 12.15 24.82 -14.34
C GLU B 108 11.42 25.76 -15.30
N GLY B 109 11.93 25.87 -16.53
CA GLY B 109 11.27 26.63 -17.59
C GLY B 109 9.85 26.17 -17.86
N ILE B 110 9.68 24.86 -17.99
CA ILE B 110 8.37 24.23 -18.16
C ILE B 110 7.49 24.45 -16.93
N GLU B 111 8.05 24.21 -15.74
CA GLU B 111 7.32 24.34 -14.48
C GLU B 111 6.82 25.76 -14.23
N THR B 112 7.61 26.74 -14.65
CA THR B 112 7.18 28.15 -14.63
C THR B 112 6.00 28.33 -15.57
N LEU B 113 6.12 27.75 -16.76
CA LEU B 113 5.06 27.83 -17.75
C LEU B 113 3.84 27.05 -17.29
N TRP B 114 4.06 25.95 -16.57
CA TRP B 114 2.96 25.20 -15.97
C TRP B 114 2.32 25.98 -14.82
N LYS B 115 3.12 26.69 -14.04
CA LYS B 115 2.59 27.47 -12.91
C LYS B 115 2.06 28.85 -13.30
N ASP B 116 2.20 29.22 -14.57
CA ASP B 116 1.65 30.48 -15.09
C ASP B 116 0.13 30.46 -14.98
N PRO B 117 -0.45 31.48 -14.30
CA PRO B 117 -1.89 31.57 -14.01
C PRO B 117 -2.79 31.44 -15.24
N ALA B 118 -2.30 31.93 -16.38
CA ALA B 118 -3.02 31.80 -17.65
C ALA B 118 -3.10 30.34 -18.11
N ILE B 119 -2.00 29.60 -17.92
CA ILE B 119 -1.94 28.17 -18.28
C ILE B 119 -2.76 27.27 -17.33
N GLN B 120 -2.75 27.59 -16.04
CA GLN B 120 -3.59 26.92 -15.05
C GLN B 120 -5.08 27.01 -15.39
N GLU B 121 -5.49 28.14 -15.95
CA GLU B 121 -6.87 28.38 -16.38
C GLU B 121 -7.28 27.40 -17.47
N THR B 122 -6.42 27.24 -18.48
CA THR B 122 -6.74 26.38 -19.62
C THR B 122 -6.88 24.89 -19.24
N PRO B 132 -5.84 15.56 -22.19
CA PRO B 132 -4.99 14.41 -21.86
C PRO B 132 -4.88 14.20 -20.35
N ASP B 133 -5.63 13.23 -19.82
CA ASP B 133 -5.75 13.01 -18.35
C ASP B 133 -4.41 12.98 -17.65
N THR B 135 -1.93 14.54 -17.86
CA THR B 135 -1.26 15.85 -17.83
C THR B 135 -0.87 16.34 -16.43
N LYS B 136 -1.85 16.37 -15.52
CA LYS B 136 -1.58 16.88 -14.17
C LYS B 136 -0.46 16.11 -13.47
N TYR B 137 -0.43 14.79 -13.70
CA TYR B 137 0.57 13.91 -13.08
C TYR B 137 1.99 14.25 -13.55
N LEU B 138 2.17 14.30 -14.87
CA LEU B 138 3.46 14.64 -15.46
C LEU B 138 3.98 15.95 -14.91
N MET B 139 3.12 16.97 -14.90
CA MET B 139 3.50 18.31 -14.49
C MET B 139 3.88 18.43 -13.01
N GLU B 140 3.29 17.59 -12.18
CA GLU B 140 3.55 17.59 -10.74
C GLU B 140 4.74 16.70 -10.38
N ASN B 141 5.26 15.99 -11.37
CA ASN B 141 6.40 15.10 -11.17
C ASN B 141 7.69 15.56 -11.85
N LEU B 142 7.72 16.81 -12.29
CA LEU B 142 8.83 17.31 -13.11
C LEU B 142 10.25 17.11 -12.53
N LYS B 143 10.52 17.69 -11.37
CA LYS B 143 11.86 17.63 -10.76
C LYS B 143 12.44 16.20 -10.74
N ARG B 144 11.62 15.23 -10.34
CA ARG B 144 12.02 13.82 -10.33
C ARG B 144 12.40 13.32 -11.74
N LEU B 145 11.62 13.72 -12.73
CA LEU B 145 11.80 13.27 -14.11
C LEU B 145 13.00 13.92 -14.78
N SER B 146 13.38 15.10 -14.29
CA SER B 146 14.48 15.89 -14.84
C SER B 146 15.85 15.38 -14.41
N ASP B 147 15.87 14.59 -13.34
CA ASP B 147 17.11 14.12 -12.73
C ASP B 147 17.98 13.39 -13.74
N ILE B 148 19.30 13.59 -13.64
CA ILE B 148 20.26 12.96 -14.53
C ILE B 148 20.25 11.44 -14.34
N ASN B 149 19.98 10.99 -13.11
CA ASN B 149 19.84 9.57 -12.81
C ASN B 149 18.38 9.09 -12.69
N TYR B 150 17.50 9.71 -13.48
CA TYR B 150 16.07 9.36 -13.47
C TYR B 150 15.80 7.91 -13.89
N ILE B 151 15.21 7.15 -12.96
CA ILE B 151 14.72 5.81 -13.24
C ILE B 151 13.19 5.80 -13.06
N PRO B 152 12.43 5.56 -14.14
CA PRO B 152 10.96 5.62 -14.08
C PRO B 152 10.35 4.60 -13.13
N THR B 153 9.31 5.02 -12.42
CA THR B 153 8.55 4.10 -11.57
C THR B 153 7.56 3.30 -12.42
N LYS B 154 6.95 2.29 -11.82
CA LYS B 154 5.90 1.55 -12.50
C LYS B 154 4.71 2.47 -12.86
N GLU B 155 4.37 3.39 -11.94
CA GLU B 155 3.32 4.36 -12.20
C GLU B 155 3.67 5.23 -13.42
N ASP B 156 4.93 5.69 -13.49
CA ASP B 156 5.39 6.46 -14.65
C ASP B 156 5.16 5.72 -15.95
N VAL B 157 5.57 4.44 -15.99
CA VAL B 157 5.57 3.65 -17.21
C VAL B 157 4.13 3.38 -17.67
N LEU B 158 3.24 3.18 -16.71
CA LEU B 158 1.82 2.99 -16.99
C LEU B 158 1.19 4.25 -17.60
N TYR B 159 1.62 5.42 -17.13
CA TYR B 159 1.18 6.69 -17.70
C TYR B 159 1.78 6.98 -19.06
N ALA B 160 2.97 6.46 -19.31
CA ALA B 160 3.74 6.76 -20.52
C ALA B 160 2.88 6.53 -21.76
N ARG B 161 2.80 7.56 -22.62
CA ARG B 161 1.99 7.46 -23.81
C ARG B 161 2.81 7.39 -25.10
N VAL B 162 2.69 6.27 -25.79
CA VAL B 162 3.28 6.11 -27.12
C VAL B 162 2.43 5.13 -27.92
N ARG B 163 2.23 5.43 -29.20
CA ARG B 163 1.56 4.54 -30.14
C ARG B 163 2.35 3.26 -30.39
N THR B 164 1.69 2.11 -30.27
CA THR B 164 2.31 0.84 -30.61
C THR B 164 2.36 0.72 -32.15
N THR B 165 3.57 0.49 -32.69
CA THR B 165 3.78 0.40 -34.15
C THR B 165 4.16 -0.99 -34.61
N GLY B 166 4.38 -1.89 -33.66
CA GLY B 166 4.68 -3.29 -33.96
C GLY B 166 3.79 -4.24 -33.18
N VAL B 167 4.21 -5.49 -33.10
CA VAL B 167 3.50 -6.51 -32.34
C VAL B 167 4.41 -6.96 -31.20
N VAL B 168 3.83 -7.11 -30.02
CA VAL B 168 4.61 -7.59 -28.89
C VAL B 168 3.81 -8.69 -28.17
N GLU B 169 4.53 -9.72 -27.72
CA GLU B 169 3.98 -10.93 -27.10
C GLU B 169 4.55 -11.12 -25.72
N ILE B 170 3.72 -11.63 -24.80
CA ILE B 170 4.19 -12.00 -23.49
C ILE B 170 3.54 -13.32 -23.10
N GLN B 171 4.35 -14.22 -22.55
CA GLN B 171 3.90 -15.53 -22.12
C GLN B 171 3.93 -15.62 -20.59
N PHE B 172 2.81 -16.00 -20.00
CA PHE B 172 2.65 -15.92 -18.54
C PHE B 172 1.56 -16.85 -18.04
N SER B 173 1.52 -17.04 -16.72
CA SER B 173 0.46 -17.78 -16.04
C SER B 173 0.02 -17.12 -14.72
N PRO B 174 -1.30 -17.05 -14.45
CA PRO B 174 -1.78 -16.52 -13.16
C PRO B 174 -2.02 -17.61 -12.12
N GLU B 183 -3.12 -22.56 -16.02
CA GLU B 183 -3.20 -22.18 -17.44
C GLU B 183 -2.00 -21.36 -17.89
N VAL B 184 -1.54 -21.58 -19.13
CA VAL B 184 -0.51 -20.74 -19.74
C VAL B 184 -1.14 -19.90 -20.85
N TYR B 185 -0.79 -18.62 -20.91
CA TYR B 185 -1.34 -17.71 -21.90
C TYR B 185 -0.22 -17.04 -22.66
N ARG B 186 -0.48 -16.76 -23.93
CA ARG B 186 0.36 -15.86 -24.70
C ARG B 186 -0.47 -14.63 -25.08
N LEU B 187 -0.05 -13.46 -24.62
CA LEU B 187 -0.81 -12.23 -24.86
C LEU B 187 -0.16 -11.37 -25.93
N PHE B 188 -0.94 -11.02 -26.95
CA PHE B 188 -0.50 -10.17 -28.04
C PHE B 188 -1.05 -8.73 -27.89
N ASP B 189 -0.15 -7.75 -27.99
CA ASP B 189 -0.48 -6.32 -27.98
C ASP B 189 -0.13 -5.80 -29.38
N VAL B 190 -0.97 -4.91 -29.91
CA VAL B 190 -0.79 -4.38 -31.25
C VAL B 190 -1.38 -2.96 -31.31
N GLY B 191 -0.93 -2.13 -32.22
CA GLY B 191 -1.49 -0.78 -32.35
C GLY B 191 -2.91 -0.79 -32.86
N GLY B 192 -3.68 0.25 -32.52
CA GLY B 192 -5.11 0.34 -32.84
C GLY B 192 -5.54 1.59 -33.60
N GLN B 193 -4.60 2.49 -33.85
CA GLN B 193 -4.89 3.59 -34.76
C GLN B 193 -5.12 2.98 -36.14
N ARG B 194 -5.89 3.66 -37.00
CA ARG B 194 -6.33 3.04 -38.27
C ARG B 194 -5.24 2.34 -39.10
N ASN B 195 -4.11 3.01 -39.31
CA ASN B 195 -3.03 2.42 -40.10
C ASN B 195 -2.50 1.11 -39.52
N GLU B 196 -2.37 1.06 -38.20
CA GLU B 196 -1.84 -0.12 -37.52
C GLU B 196 -2.77 -1.33 -37.59
N ARG B 197 -4.07 -1.10 -37.73
CA ARG B 197 -5.05 -2.19 -37.88
C ARG B 197 -4.80 -3.08 -39.10
N ARG B 198 -3.98 -2.61 -40.05
CA ARG B 198 -3.64 -3.45 -41.22
C ARG B 198 -2.84 -4.70 -40.83
N LYS B 199 -2.31 -4.70 -39.60
CA LYS B 199 -1.50 -5.81 -39.09
C LYS B 199 -2.35 -6.84 -38.38
N TRP B 200 -3.56 -6.47 -38.01
CA TRP B 200 -4.42 -7.29 -37.20
C TRP B 200 -4.69 -8.65 -37.82
N ILE B 201 -4.98 -8.65 -39.12
CA ILE B 201 -5.34 -9.86 -39.83
C ILE B 201 -4.38 -11.03 -39.59
N HIS B 202 -3.06 -10.80 -39.73
CA HIS B 202 -2.04 -11.83 -39.49
C HIS B 202 -2.08 -12.42 -38.07
N LEU B 203 -2.85 -11.81 -37.17
CA LEU B 203 -2.85 -12.18 -35.75
C LEU B 203 -4.09 -12.95 -35.33
N PHE B 204 -5.03 -13.12 -36.26
CA PHE B 204 -6.33 -13.70 -35.93
C PHE B 204 -6.38 -15.23 -35.77
N GLU B 205 -5.29 -15.93 -36.08
CA GLU B 205 -5.30 -17.41 -36.04
C GLU B 205 -5.12 -17.97 -34.63
N GLY B 206 -5.93 -18.99 -34.32
CA GLY B 206 -5.83 -19.77 -33.08
C GLY B 206 -6.05 -18.99 -31.80
N VAL B 207 -6.91 -17.98 -31.86
CA VAL B 207 -7.13 -17.10 -30.72
C VAL B 207 -8.08 -17.77 -29.75
N THR B 208 -7.65 -17.93 -28.51
CA THR B 208 -8.53 -18.39 -27.44
C THR B 208 -9.55 -17.33 -27.02
N ALA B 209 -9.09 -16.09 -26.89
CA ALA B 209 -9.96 -14.99 -26.50
C ALA B 209 -9.45 -13.67 -27.01
N VAL B 210 -10.39 -12.82 -27.36
CA VAL B 210 -10.12 -11.46 -27.74
C VAL B 210 -10.45 -10.60 -26.54
N ILE B 211 -9.51 -9.75 -26.16
CA ILE B 211 -9.72 -8.78 -25.10
C ILE B 211 -9.85 -7.45 -25.82
N PHE B 212 -11.08 -6.94 -25.91
CA PHE B 212 -11.37 -5.73 -26.66
C PHE B 212 -11.45 -4.57 -25.70
N CYS B 213 -10.52 -3.61 -25.81
CA CYS B 213 -10.56 -2.42 -24.97
C CYS B 213 -11.34 -1.30 -25.66
N ALA B 214 -12.37 -0.82 -24.97
CA ALA B 214 -13.18 0.29 -25.41
C ALA B 214 -13.11 1.38 -24.34
N ALA B 215 -12.62 2.56 -24.71
CA ALA B 215 -12.47 3.67 -23.77
C ALA B 215 -13.79 4.46 -23.70
N ILE B 216 -14.54 4.25 -22.63
CA ILE B 216 -15.91 4.82 -22.52
C ILE B 216 -15.89 6.31 -22.15
N SER B 217 -14.74 6.79 -21.72
CA SER B 217 -14.53 8.19 -21.45
C SER B 217 -14.51 9.09 -22.68
N GLU B 218 -14.38 8.51 -23.87
CA GLU B 218 -14.13 9.30 -25.09
C GLU B 218 -15.35 9.78 -25.86
N TYR B 219 -16.54 9.72 -25.25
CA TYR B 219 -17.81 9.96 -25.93
C TYR B 219 -18.00 11.38 -26.46
N ASP B 220 -17.22 12.32 -25.90
CA ASP B 220 -17.19 13.71 -26.36
C ASP B 220 -15.88 14.08 -27.08
N GLN B 221 -15.07 13.09 -27.42
CA GLN B 221 -13.80 13.36 -28.10
C GLN B 221 -13.83 12.95 -29.58
N THR B 222 -12.87 13.46 -30.36
CA THR B 222 -12.70 13.08 -31.75
C THR B 222 -11.35 12.40 -31.99
N LEU B 223 -11.28 11.64 -33.08
CA LEU B 223 -10.13 10.80 -33.44
C LEU B 223 -8.89 11.57 -33.73
N PHE B 224 -7.76 11.04 -33.27
CA PHE B 224 -6.49 11.58 -33.73
C PHE B 224 -6.40 11.54 -35.29
N GLU B 225 -6.86 10.44 -35.88
CA GLU B 225 -6.80 10.21 -37.35
C GLU B 225 -7.68 11.20 -38.09
N ASP B 226 -8.84 11.52 -37.51
CA ASP B 226 -9.81 12.35 -38.19
C ASP B 226 -10.63 13.12 -37.16
N GLU B 227 -10.34 14.42 -37.04
CA GLU B 227 -10.89 15.21 -35.96
C GLU B 227 -12.38 15.48 -36.13
N GLN B 228 -12.95 15.12 -37.29
CA GLN B 228 -14.40 15.18 -37.50
C GLN B 228 -15.16 13.94 -36.98
N LYS B 229 -14.44 12.88 -36.62
CA LYS B 229 -15.08 11.63 -36.30
C LYS B 229 -15.13 11.41 -34.80
N ASN B 230 -16.35 11.30 -34.25
CA ASN B 230 -16.50 11.00 -32.83
C ASN B 230 -15.76 9.71 -32.44
N ARG B 231 -15.00 9.79 -31.36
CA ARG B 231 -14.23 8.63 -30.87
C ARG B 231 -15.05 7.41 -30.46
N MET B 232 -16.26 7.63 -29.93
CA MET B 232 -17.07 6.53 -29.44
C MET B 232 -17.78 5.84 -30.62
N MET B 233 -18.17 6.63 -31.61
CA MET B 233 -18.67 6.10 -32.86
C MET B 233 -17.60 5.23 -33.52
N GLU B 234 -16.34 5.63 -33.46
CA GLU B 234 -15.28 4.78 -34.00
C GLU B 234 -15.19 3.45 -33.24
N THR B 235 -15.16 3.51 -31.91
CA THR B 235 -15.15 2.32 -31.07
C THR B 235 -16.31 1.37 -31.40
N LYS B 236 -17.53 1.90 -31.42
CA LYS B 236 -18.72 1.15 -31.81
C LYS B 236 -18.49 0.37 -33.11
N GLU B 237 -18.16 1.11 -34.17
CA GLU B 237 -18.00 0.54 -35.50
C GLU B 237 -16.85 -0.47 -35.56
N LEU B 238 -15.78 -0.20 -34.81
CA LEU B 238 -14.66 -1.13 -34.76
C LEU B 238 -15.04 -2.45 -34.04
N PHE B 239 -15.74 -2.34 -32.91
CA PHE B 239 -16.18 -3.54 -32.21
C PHE B 239 -17.07 -4.36 -33.14
N ASP B 240 -17.98 -3.68 -33.82
CA ASP B 240 -18.89 -4.29 -34.80
C ASP B 240 -18.11 -5.07 -35.86
N TRP B 241 -17.15 -4.42 -36.51
CA TRP B 241 -16.28 -5.07 -37.50
C TRP B 241 -15.56 -6.30 -36.94
N VAL B 242 -15.01 -6.20 -35.73
CA VAL B 242 -14.33 -7.32 -35.08
C VAL B 242 -15.30 -8.50 -34.93
N LEU B 243 -16.48 -8.24 -34.40
CA LEU B 243 -17.47 -9.29 -34.20
C LEU B 243 -17.89 -10.02 -35.47
N LYS B 244 -17.57 -9.45 -36.62
CA LYS B 244 -17.98 -9.99 -37.91
C LYS B 244 -16.88 -10.83 -38.58
N GLN B 245 -15.68 -10.87 -38.00
CA GLN B 245 -14.63 -11.72 -38.58
C GLN B 245 -14.97 -13.21 -38.42
N PRO B 246 -15.12 -13.93 -39.55
CA PRO B 246 -15.51 -15.33 -39.46
C PRO B 246 -14.61 -16.11 -38.51
N CYS B 247 -13.33 -15.78 -38.46
CA CYS B 247 -12.36 -16.51 -37.63
C CYS B 247 -12.68 -16.39 -36.14
N PHE B 248 -13.48 -15.38 -35.76
CA PHE B 248 -13.88 -15.21 -34.37
C PHE B 248 -15.23 -15.81 -34.00
N GLU B 249 -15.77 -16.66 -34.88
CA GLU B 249 -17.07 -17.31 -34.66
C GLU B 249 -17.22 -18.01 -33.29
N LYS B 250 -16.20 -18.73 -32.83
CA LYS B 250 -16.28 -19.43 -31.53
C LYS B 250 -15.42 -18.78 -30.44
N THR B 251 -14.71 -17.72 -30.81
CA THR B 251 -13.74 -17.06 -29.93
C THR B 251 -14.40 -16.31 -28.76
N SER B 252 -13.93 -16.56 -27.54
CA SER B 252 -14.43 -15.80 -26.38
C SER B 252 -14.08 -14.31 -26.48
N PHE B 253 -15.04 -13.46 -26.10
CA PHE B 253 -14.88 -12.02 -26.11
C PHE B 253 -14.94 -11.41 -24.74
N MET B 254 -13.84 -10.79 -24.33
CA MET B 254 -13.77 -10.04 -23.07
C MET B 254 -13.78 -8.56 -23.41
N LEU B 255 -14.87 -7.87 -23.10
CA LEU B 255 -14.98 -6.47 -23.43
C LEU B 255 -14.63 -5.67 -22.18
N PHE B 256 -13.49 -4.96 -22.24
CA PHE B 256 -13.05 -4.07 -21.16
C PHE B 256 -13.54 -2.67 -21.50
N LEU B 257 -14.52 -2.20 -20.74
CA LEU B 257 -14.98 -0.83 -20.83
C LEU B 257 -14.03 0.02 -19.97
N ASN B 258 -13.00 0.56 -20.61
CA ASN B 258 -11.84 1.09 -19.91
C ASN B 258 -11.95 2.59 -19.69
N LYS B 259 -11.04 3.14 -18.88
CA LYS B 259 -11.02 4.56 -18.51
C LYS B 259 -12.30 4.97 -17.77
N PHE B 260 -12.84 4.05 -16.98
CA PHE B 260 -13.97 4.38 -16.14
C PHE B 260 -13.64 5.51 -15.17
N ASP B 261 -12.37 5.60 -14.72
CA ASP B 261 -11.94 6.69 -13.82
C ASP B 261 -12.18 8.08 -14.44
N ILE B 262 -11.97 8.20 -15.75
CA ILE B 262 -12.18 9.46 -16.47
C ILE B 262 -13.68 9.68 -16.74
N PHE B 263 -14.35 8.59 -17.13
CA PHE B 263 -15.80 8.56 -17.36
C PHE B 263 -16.54 9.14 -16.15
N GLU B 264 -16.29 8.59 -14.96
CA GLU B 264 -16.83 9.09 -13.67
C GLU B 264 -16.82 10.60 -13.53
N LYS B 265 -15.71 11.23 -13.88
CA LYS B 265 -15.57 12.68 -13.80
C LYS B 265 -16.27 13.41 -14.94
N LYS B 266 -16.29 12.84 -16.13
CA LYS B 266 -16.93 13.51 -17.29
C LYS B 266 -18.45 13.56 -17.22
N VAL B 267 -19.09 12.43 -16.90
CA VAL B 267 -20.53 12.28 -17.10
C VAL B 267 -21.42 13.27 -16.36
N LEU B 268 -20.93 13.82 -15.25
CA LEU B 268 -21.68 14.83 -14.53
C LEU B 268 -21.52 16.23 -15.16
N ASP B 269 -20.51 16.40 -16.03
CA ASP B 269 -20.29 17.70 -16.69
C ASP B 269 -20.69 17.72 -18.16
N VAL B 270 -20.54 16.59 -18.86
CA VAL B 270 -20.80 16.54 -20.30
C VAL B 270 -21.83 15.45 -20.58
N PRO B 271 -23.02 15.83 -21.05
CA PRO B 271 -24.05 14.84 -21.30
C PRO B 271 -23.60 13.80 -22.33
N LEU B 272 -23.96 12.55 -22.09
CA LEU B 272 -23.65 11.44 -22.98
C LEU B 272 -24.23 11.72 -24.36
N ASN B 273 -25.36 12.44 -24.38
CA ASN B 273 -26.11 12.77 -25.60
C ASN B 273 -25.31 13.44 -26.70
N VAL B 274 -24.12 13.95 -26.39
CA VAL B 274 -23.30 14.57 -27.43
C VAL B 274 -22.77 13.55 -28.42
N CYS B 275 -22.75 12.29 -28.00
CA CYS B 275 -22.38 11.21 -28.88
C CYS B 275 -23.63 10.65 -29.52
N GLU B 276 -23.62 10.52 -30.85
CA GLU B 276 -24.81 10.10 -31.60
C GLU B 276 -25.44 8.78 -31.09
N TRP B 277 -24.62 7.78 -30.81
CA TRP B 277 -25.09 6.50 -30.29
C TRP B 277 -25.86 6.68 -28.97
N PHE B 278 -25.48 7.70 -28.18
CA PHE B 278 -26.09 7.93 -26.86
C PHE B 278 -27.11 9.09 -26.86
N ARG B 279 -27.55 9.53 -28.06
CA ARG B 279 -28.42 10.71 -28.20
C ARG B 279 -29.71 10.64 -27.37
N ASP B 280 -30.23 9.41 -27.18
CA ASP B 280 -31.48 9.19 -26.46
C ASP B 280 -31.30 9.01 -24.93
N TYR B 281 -30.08 9.18 -24.43
CA TYR B 281 -29.82 9.04 -23.00
C TYR B 281 -30.65 10.03 -22.17
N GLN B 282 -31.26 9.53 -21.11
CA GLN B 282 -32.00 10.40 -20.16
C GLN B 282 -31.43 10.28 -18.75
N PRO B 283 -30.89 11.41 -18.22
CA PRO B 283 -30.39 11.45 -16.84
C PRO B 283 -31.50 11.28 -15.81
N VAL B 284 -31.24 10.50 -14.76
CA VAL B 284 -32.23 10.27 -13.71
C VAL B 284 -31.92 10.96 -12.38
N SER B 285 -30.64 11.25 -12.13
CA SER B 285 -30.22 11.59 -10.78
C SER B 285 -28.99 12.50 -10.80
N SER B 286 -28.30 12.60 -9.67
CA SER B 286 -27.05 13.32 -9.57
C SER B 286 -26.01 12.40 -8.95
N GLY B 287 -24.80 12.92 -8.74
CA GLY B 287 -23.72 12.16 -8.11
C GLY B 287 -23.52 10.73 -8.59
N LYS B 288 -23.14 9.85 -7.69
CA LYS B 288 -22.78 8.49 -8.04
C LYS B 288 -23.95 7.65 -8.55
N GLN B 289 -25.16 7.98 -8.14
CA GLN B 289 -26.33 7.31 -8.69
C GLN B 289 -26.41 7.56 -10.20
N GLU B 290 -26.14 8.79 -10.61
CA GLU B 290 -26.18 9.14 -12.02
C GLU B 290 -25.03 8.49 -12.77
N ILE B 291 -23.83 8.50 -12.17
CA ILE B 291 -22.66 7.90 -12.80
C ILE B 291 -22.93 6.43 -13.14
N GLU B 292 -23.48 5.71 -12.16
CA GLU B 292 -23.86 4.33 -12.34
C GLU B 292 -24.94 4.13 -13.42
N HIS B 293 -25.96 5.00 -13.44
CA HIS B 293 -27.00 4.97 -14.47
C HIS B 293 -26.41 5.20 -15.88
N ALA B 294 -25.54 6.21 -16.00
CA ALA B 294 -24.81 6.45 -17.23
C ALA B 294 -24.04 5.21 -17.65
N TYR B 295 -23.27 4.65 -16.72
CA TYR B 295 -22.50 3.45 -17.03
C TYR B 295 -23.39 2.31 -17.53
N GLU B 296 -24.46 1.99 -16.79
CA GLU B 296 -25.31 0.87 -17.19
C GLU B 296 -25.86 1.07 -18.60
N PHE B 297 -26.12 2.32 -18.96
CA PHE B 297 -26.67 2.68 -20.25
C PHE B 297 -25.62 2.42 -21.33
N VAL B 298 -24.41 2.93 -21.12
CA VAL B 298 -23.31 2.63 -22.03
C VAL B 298 -23.08 1.12 -22.16
N LYS B 299 -23.10 0.42 -21.03
CA LYS B 299 -22.94 -1.03 -21.01
C LYS B 299 -24.05 -1.73 -21.82
N LYS B 300 -25.31 -1.35 -21.63
CA LYS B 300 -26.39 -1.95 -22.40
C LYS B 300 -26.22 -1.70 -23.92
N LYS B 301 -25.81 -0.48 -24.29
CA LYS B 301 -25.50 -0.16 -25.68
C LYS B 301 -24.51 -1.13 -26.29
N PHE B 302 -23.46 -1.45 -25.55
CA PHE B 302 -22.47 -2.40 -26.02
C PHE B 302 -23.04 -3.84 -26.04
N GLU B 303 -23.86 -4.21 -25.06
CA GLU B 303 -24.47 -5.54 -25.07
C GLU B 303 -25.30 -5.73 -26.33
N GLU B 304 -26.12 -4.73 -26.65
CA GLU B 304 -26.94 -4.74 -27.86
C GLU B 304 -26.12 -4.87 -29.13
N LEU B 305 -24.95 -4.22 -29.16
CA LEU B 305 -24.06 -4.26 -30.31
C LEU B 305 -23.48 -5.66 -30.46
N TYR B 306 -23.08 -6.28 -29.35
CA TYR B 306 -22.69 -7.69 -29.36
C TYR B 306 -23.83 -8.54 -29.93
N TYR B 307 -25.04 -8.38 -29.41
CA TYR B 307 -26.15 -9.24 -29.85
C TYR B 307 -26.60 -9.00 -31.28
N GLN B 308 -26.43 -7.77 -31.77
CA GLN B 308 -26.69 -7.45 -33.16
C GLN B 308 -25.89 -8.40 -34.07
N ASN B 309 -24.74 -8.85 -33.57
CA ASN B 309 -23.83 -9.72 -34.32
C ASN B 309 -23.83 -11.19 -33.90
N THR B 310 -24.78 -11.56 -33.03
CA THR B 310 -24.79 -12.92 -32.47
C THR B 310 -26.16 -13.58 -32.68
N ALA B 311 -26.29 -14.24 -33.83
CA ALA B 311 -27.46 -15.01 -34.22
C ALA B 311 -27.57 -16.31 -33.38
N PRO B 312 -28.72 -17.00 -33.42
CA PRO B 312 -28.86 -18.28 -32.69
C PRO B 312 -27.70 -19.28 -32.86
N ASP B 313 -27.07 -19.34 -34.03
CA ASP B 313 -25.97 -20.29 -34.27
C ASP B 313 -24.68 -19.93 -33.54
N ARG B 314 -24.69 -18.80 -32.85
CA ARG B 314 -23.51 -18.29 -32.18
C ARG B 314 -23.72 -17.97 -30.70
N VAL B 315 -24.87 -18.32 -30.13
CA VAL B 315 -25.11 -18.02 -28.71
C VAL B 315 -24.14 -18.80 -27.78
N ASP B 316 -23.48 -19.82 -28.32
CA ASP B 316 -22.49 -20.60 -27.56
C ASP B 316 -21.22 -19.82 -27.23
N ARG B 317 -20.93 -18.78 -28.01
CA ARG B 317 -19.74 -17.97 -27.82
C ARG B 317 -19.77 -17.28 -26.45
N VAL B 318 -18.63 -17.25 -25.77
CA VAL B 318 -18.53 -16.63 -24.45
C VAL B 318 -18.38 -15.13 -24.59
N PHE B 319 -19.12 -14.37 -23.79
CA PHE B 319 -19.05 -12.92 -23.81
C PHE B 319 -19.20 -12.32 -22.41
N LYS B 320 -18.19 -11.55 -21.99
CA LYS B 320 -18.13 -10.94 -20.67
C LYS B 320 -17.74 -9.48 -20.77
N ILE B 321 -18.37 -8.66 -19.94
CA ILE B 321 -18.09 -7.24 -19.84
C ILE B 321 -17.51 -6.88 -18.46
N TYR B 322 -16.41 -6.12 -18.46
CA TYR B 322 -15.73 -5.71 -17.23
C TYR B 322 -15.53 -4.22 -17.26
N ARG B 323 -15.79 -3.60 -16.11
CA ARG B 323 -15.56 -2.20 -15.90
C ARG B 323 -14.11 -2.05 -15.47
N THR B 324 -13.30 -1.30 -16.21
CA THR B 324 -11.89 -1.23 -15.87
C THR B 324 -11.30 0.17 -15.83
N THR B 325 -10.26 0.29 -15.02
CA THR B 325 -9.30 1.38 -15.05
C THR B 325 -7.95 0.70 -15.18
N ALA B 326 -7.39 0.72 -16.37
CA ALA B 326 -6.15 0.00 -16.67
C ALA B 326 -4.97 0.46 -15.83
N LEU B 327 -5.06 1.65 -15.24
CA LEU B 327 -3.98 2.14 -14.38
C LEU B 327 -4.06 1.55 -12.97
N ASP B 328 -5.19 0.95 -12.64
CA ASP B 328 -5.44 0.44 -11.29
C ASP B 328 -5.02 -1.03 -11.22
N GLN B 329 -3.81 -1.27 -10.71
CA GLN B 329 -3.21 -2.63 -10.67
C GLN B 329 -4.06 -3.67 -9.94
N LYS B 330 -4.61 -3.30 -8.78
CA LYS B 330 -5.47 -4.22 -8.01
C LYS B 330 -6.72 -4.57 -8.80
N LEU B 331 -7.27 -3.61 -9.53
CA LEU B 331 -8.43 -3.89 -10.38
C LEU B 331 -8.12 -4.76 -11.61
N VAL B 332 -6.93 -4.60 -12.20
CA VAL B 332 -6.56 -5.41 -13.38
C VAL B 332 -6.27 -6.86 -12.99
N LYS B 333 -5.58 -7.04 -11.86
CA LYS B 333 -5.37 -8.36 -11.26
C LYS B 333 -6.71 -9.06 -11.00
N LYS B 334 -7.61 -8.39 -10.27
CA LYS B 334 -8.95 -8.96 -10.01
C LYS B 334 -9.73 -9.25 -11.31
N THR B 335 -9.62 -8.36 -12.27
CA THR B 335 -10.31 -8.53 -13.54
C THR B 335 -9.73 -9.73 -14.30
N PHE B 336 -8.41 -9.83 -14.37
CA PHE B 336 -7.83 -10.93 -15.09
C PHE B 336 -8.12 -12.32 -14.49
N LYS B 337 -8.20 -12.42 -13.17
CA LYS B 337 -8.53 -13.68 -12.50
C LYS B 337 -9.92 -14.16 -12.88
N LEU B 338 -10.84 -13.20 -13.04
CA LEU B 338 -12.19 -13.47 -13.51
C LEU B 338 -12.18 -13.99 -14.93
N VAL B 339 -11.40 -13.35 -15.80
CA VAL B 339 -11.26 -13.78 -17.19
C VAL B 339 -10.66 -15.19 -17.27
N ASP B 340 -9.62 -15.44 -16.47
CA ASP B 340 -9.03 -16.76 -16.40
C ASP B 340 -10.02 -17.82 -15.94
N GLU B 341 -10.82 -17.48 -14.91
CA GLU B 341 -11.81 -18.42 -14.38
C GLU B 341 -12.81 -18.79 -15.46
N THR B 342 -13.27 -17.78 -16.18
CA THR B 342 -14.18 -17.91 -17.29
C THR B 342 -13.58 -18.78 -18.39
N LEU B 343 -12.34 -18.52 -18.77
CA LEU B 343 -11.72 -19.28 -19.86
C LEU B 343 -11.42 -20.74 -19.48
N ARG B 344 -11.28 -21.01 -18.18
CA ARG B 344 -11.15 -22.37 -17.64
C ARG B 344 -12.48 -23.14 -17.66
N ARG B 345 -13.58 -22.48 -17.26
CA ARG B 345 -14.91 -23.10 -17.35
C ARG B 345 -15.33 -23.41 -18.78
N ARG B 346 -14.77 -22.67 -19.75
CA ARG B 346 -15.02 -22.92 -21.17
C ARG B 346 -14.35 -24.23 -21.61
N ASN B 347 -13.14 -24.47 -21.12
CA ASN B 347 -12.46 -25.76 -21.34
C ASN B 347 -13.19 -26.96 -20.73
N LEU B 348 -14.35 -26.70 -20.12
CA LEU B 348 -15.14 -27.72 -19.44
C LEU B 348 -16.61 -27.75 -19.89
N ILE C 9 52.98 11.44 3.09
CA ILE C 9 52.26 10.14 3.23
C ILE C 9 51.08 10.22 4.22
N ARG C 10 49.87 10.16 3.68
CA ARG C 10 48.66 10.40 4.46
C ARG C 10 48.06 9.07 4.93
N LYS C 11 47.93 8.93 6.25
CA LYS C 11 47.51 7.67 6.87
C LYS C 11 45.99 7.54 6.89
N LEU C 12 45.49 6.44 6.31
CA LEU C 12 44.07 6.13 6.30
C LEU C 12 43.79 4.87 7.12
N LEU C 13 42.73 4.93 7.94
CA LEU C 13 42.39 3.84 8.84
C LEU C 13 40.98 3.37 8.55
N LEU C 14 40.86 2.13 8.10
CA LEU C 14 39.54 1.51 7.99
C LEU C 14 39.12 1.00 9.36
N LEU C 15 38.03 1.55 9.89
CA LEU C 15 37.45 1.06 11.14
C LEU C 15 35.98 0.72 10.92
N GLY C 16 35.46 -0.19 11.74
CA GLY C 16 34.09 -0.68 11.59
C GLY C 16 33.94 -2.01 12.29
N ALA C 17 32.69 -2.39 12.52
CA ALA C 17 32.36 -3.63 13.21
C ALA C 17 32.59 -4.82 12.30
N GLY C 18 32.68 -6.02 12.88
CA GLY C 18 32.82 -7.22 12.08
C GLY C 18 31.84 -7.21 10.91
N GLU C 19 32.37 -7.53 9.72
CA GLU C 19 31.59 -7.75 8.48
C GLU C 19 31.01 -6.49 7.89
N SER C 20 31.57 -5.33 8.23
CA SER C 20 31.03 -4.06 7.75
C SER C 20 31.53 -3.73 6.34
N GLY C 21 32.52 -4.46 5.86
CA GLY C 21 33.00 -4.23 4.48
C GLY C 21 34.39 -3.66 4.36
N LYS C 22 35.11 -3.59 5.47
CA LYS C 22 36.44 -2.99 5.49
C LYS C 22 37.41 -3.65 4.48
N SER C 23 37.47 -4.97 4.47
CA SER C 23 38.38 -5.69 3.57
C SER C 23 37.91 -5.66 2.11
N THR C 24 36.59 -5.58 1.92
CA THR C 24 36.04 -5.45 0.58
C THR C 24 36.47 -4.11 -0.02
N ILE C 25 36.32 -3.03 0.74
CA ILE C 25 36.85 -1.71 0.35
C ILE C 25 38.36 -1.79 0.05
N PHE C 26 39.11 -2.36 0.98
CA PHE C 26 40.55 -2.54 0.84
C PHE C 26 40.96 -3.26 -0.47
N LYS C 27 40.26 -4.35 -0.80
CA LYS C 27 40.53 -5.10 -2.02
C LYS C 27 40.29 -4.22 -3.26
N GLN C 28 39.32 -3.32 -3.17
CA GLN C 28 38.97 -2.42 -4.26
C GLN C 28 40.07 -1.40 -4.52
N ILE C 29 40.62 -0.83 -3.47
CA ILE C 29 41.77 0.07 -3.61
C ILE C 29 42.97 -0.71 -4.10
N LYS C 30 43.07 -1.97 -3.67
CA LYS C 30 44.18 -2.84 -4.09
C LYS C 30 44.19 -3.05 -5.61
N LEU C 31 43.03 -3.37 -6.17
CA LEU C 31 42.93 -3.63 -7.61
C LEU C 31 42.69 -2.39 -8.46
N LEU C 32 42.22 -1.30 -7.83
CA LEU C 32 42.00 -0.05 -8.56
C LEU C 32 43.22 0.88 -8.49
N PHE C 33 44.18 0.57 -7.62
CA PHE C 33 45.38 1.39 -7.48
C PHE C 33 46.68 0.59 -7.30
N GLN C 34 46.58 -0.74 -7.47
CA GLN C 34 47.76 -1.61 -7.52
C GLN C 34 47.54 -2.77 -8.52
N THR C 35 47.82 -4.00 -8.10
CA THR C 35 47.64 -5.19 -8.93
C THR C 35 47.15 -6.37 -8.10
N SER C 44 44.67 -18.64 -5.71
CA SER C 44 45.08 -17.54 -4.85
C SER C 44 44.12 -17.40 -3.66
N TYR C 45 42.88 -17.04 -3.96
CA TYR C 45 41.79 -16.96 -2.99
C TYR C 45 40.92 -18.23 -3.03
N VAL C 46 41.36 -19.21 -3.82
CA VAL C 46 40.62 -20.45 -4.13
C VAL C 46 40.11 -21.25 -2.90
N PRO C 47 40.99 -21.51 -1.90
CA PRO C 47 40.54 -22.25 -0.71
C PRO C 47 39.42 -21.54 0.07
N VAL C 48 39.57 -20.23 0.29
CA VAL C 48 38.59 -19.44 1.04
C VAL C 48 37.19 -19.52 0.41
N ILE C 49 37.15 -19.46 -0.93
CA ILE C 49 35.89 -19.54 -1.68
C ILE C 49 35.19 -20.90 -1.50
N HIS C 50 35.94 -21.98 -1.71
CA HIS C 50 35.44 -23.33 -1.49
C HIS C 50 34.98 -23.50 -0.03
N ALA C 51 35.83 -23.06 0.90
CA ALA C 51 35.48 -23.05 2.33
C ALA C 51 34.18 -22.26 2.61
N ASN C 52 34.01 -21.13 1.92
CA ASN C 52 32.75 -20.38 1.94
C ASN C 52 31.58 -21.20 1.42
N VAL C 53 31.83 -21.99 0.36
CA VAL C 53 30.80 -22.87 -0.20
C VAL C 53 30.40 -23.95 0.81
N TYR C 54 31.37 -24.70 1.32
CA TYR C 54 31.11 -25.77 2.30
C TYR C 54 30.33 -25.26 3.53
N GLN C 55 30.73 -24.08 4.02
CA GLN C 55 30.14 -23.52 5.23
C GLN C 55 28.73 -22.95 5.02
N THR C 56 28.49 -22.41 3.83
CA THR C 56 27.18 -21.86 3.46
C THR C 56 26.05 -22.89 3.63
N ILE C 57 26.24 -24.07 3.06
CA ILE C 57 25.23 -25.12 3.10
C ILE C 57 25.09 -25.72 4.49
N LYS C 58 26.23 -25.97 5.15
CA LYS C 58 26.24 -26.63 6.47
C LYS C 58 25.39 -25.91 7.52
N LEU C 59 25.29 -24.59 7.38
CA LEU C 59 24.45 -23.77 8.26
C LEU C 59 22.97 -23.88 7.90
N LEU C 60 22.66 -24.17 6.63
CA LEU C 60 21.28 -24.29 6.17
C LEU C 60 20.59 -25.56 6.65
N HIS C 61 19.42 -25.39 7.24
CA HIS C 61 18.60 -26.49 7.75
C HIS C 61 17.12 -26.22 7.49
N ASP C 105 34.53 -32.84 -8.54
CA ASP C 105 33.09 -32.65 -8.41
C ASP C 105 32.73 -32.18 -7.00
N ILE C 106 32.09 -33.05 -6.22
CA ILE C 106 31.47 -32.73 -4.92
C ILE C 106 30.33 -31.71 -5.06
N ALA C 107 30.47 -30.80 -6.03
CA ALA C 107 29.57 -29.66 -6.23
C ALA C 107 28.13 -30.02 -6.57
N GLU C 108 27.94 -31.00 -7.44
CA GLU C 108 26.59 -31.42 -7.84
C GLU C 108 25.82 -32.11 -6.72
N GLY C 109 26.52 -32.52 -5.68
CA GLY C 109 25.90 -33.00 -4.44
C GLY C 109 25.34 -31.84 -3.65
N ILE C 110 25.92 -30.65 -3.86
CA ILE C 110 25.51 -29.43 -3.17
C ILE C 110 24.52 -28.63 -4.03
N GLU C 111 24.76 -28.62 -5.33
CA GLU C 111 23.96 -27.86 -6.31
C GLU C 111 22.49 -28.28 -6.31
N THR C 112 22.27 -29.59 -6.33
CA THR C 112 20.91 -30.14 -6.26
C THR C 112 20.45 -30.35 -4.82
N LEU C 113 21.35 -30.10 -3.87
CA LEU C 113 20.98 -29.99 -2.45
C LEU C 113 20.34 -28.63 -2.16
N TRP C 114 20.44 -27.71 -3.13
CA TRP C 114 19.91 -26.36 -3.00
C TRP C 114 18.38 -26.28 -3.24
N LYS C 115 17.69 -27.43 -3.15
CA LYS C 115 16.23 -27.46 -3.08
C LYS C 115 15.74 -28.59 -2.18
N LEU C 129 19.02 -16.39 10.66
CA LEU C 129 19.83 -16.06 11.82
C LEU C 129 21.20 -15.50 11.43
N GLN C 130 22.19 -16.38 11.20
CA GLN C 130 23.54 -15.95 10.77
C GLN C 130 23.88 -16.35 9.32
N VAL C 131 22.87 -16.33 8.45
CA VAL C 131 23.04 -16.64 7.02
C VAL C 131 23.70 -15.50 6.23
N PRO C 132 24.87 -15.78 5.61
CA PRO C 132 25.58 -14.82 4.76
C PRO C 132 24.72 -14.25 3.61
N ASP C 133 25.21 -13.17 2.99
CA ASP C 133 24.50 -12.50 1.90
C ASP C 133 25.08 -12.89 0.54
N THR C 135 25.40 -15.91 -0.49
CA THR C 135 24.93 -17.28 -0.73
C THR C 135 24.30 -17.46 -2.11
N LYS C 136 23.28 -16.66 -2.41
CA LYS C 136 22.57 -16.72 -3.71
C LYS C 136 23.48 -16.46 -4.91
N TYR C 137 24.75 -16.19 -4.63
CA TYR C 137 25.77 -16.03 -5.64
C TYR C 137 26.57 -17.33 -5.79
N LEU C 138 26.98 -17.91 -4.65
CA LEU C 138 27.78 -19.13 -4.63
C LEU C 138 26.95 -20.38 -4.96
N MET C 139 25.67 -20.34 -4.57
CA MET C 139 24.76 -21.46 -4.82
C MET C 139 24.17 -21.47 -6.25
N GLU C 140 24.84 -20.76 -7.16
CA GLU C 140 24.55 -20.81 -8.58
C GLU C 140 25.84 -21.07 -9.36
N ASN C 141 26.92 -20.46 -8.88
CA ASN C 141 28.24 -20.52 -9.53
C ASN C 141 29.05 -21.77 -9.17
N LEU C 142 28.38 -22.82 -8.69
CA LEU C 142 29.05 -24.08 -8.35
C LEU C 142 29.86 -24.64 -9.50
N LYS C 143 29.24 -24.74 -10.68
CA LYS C 143 29.87 -25.27 -11.88
C LYS C 143 31.19 -24.54 -12.20
N ARG C 144 31.10 -23.21 -12.30
CA ARG C 144 32.22 -22.37 -12.70
C ARG C 144 33.39 -22.43 -11.70
N LEU C 145 33.06 -22.60 -10.43
CA LEU C 145 34.04 -22.69 -9.34
C LEU C 145 34.60 -24.11 -9.14
N SER C 146 33.85 -25.11 -9.62
CA SER C 146 34.19 -26.53 -9.40
C SER C 146 35.28 -27.06 -10.34
N ASP C 147 35.51 -26.35 -11.45
CA ASP C 147 36.52 -26.75 -12.43
C ASP C 147 37.92 -26.91 -11.82
N ILE C 148 38.68 -27.85 -12.37
CA ILE C 148 40.03 -28.16 -11.90
C ILE C 148 41.02 -27.01 -12.20
N ASN C 149 40.72 -26.25 -13.24
CA ASN C 149 41.53 -25.09 -13.65
C ASN C 149 40.88 -23.75 -13.32
N TYR C 150 39.92 -23.76 -12.40
CA TYR C 150 39.21 -22.55 -11.98
C TYR C 150 40.17 -21.50 -11.40
N ILE C 151 40.19 -20.33 -12.04
CA ILE C 151 40.91 -19.17 -11.50
C ILE C 151 39.93 -18.00 -11.30
N PRO C 152 39.72 -17.61 -10.03
CA PRO C 152 38.67 -16.66 -9.61
C PRO C 152 38.76 -15.28 -10.25
N THR C 153 37.59 -14.75 -10.60
CA THR C 153 37.45 -13.41 -11.15
C THR C 153 37.50 -12.35 -10.05
N LYS C 154 37.60 -11.08 -10.46
CA LYS C 154 37.59 -9.95 -9.53
C LYS C 154 36.38 -10.00 -8.61
N GLU C 155 35.23 -10.39 -9.15
CA GLU C 155 33.98 -10.47 -8.41
C GLU C 155 34.05 -11.48 -7.27
N ASP C 156 34.68 -12.63 -7.55
CA ASP C 156 34.80 -13.74 -6.61
C ASP C 156 35.64 -13.38 -5.39
N VAL C 157 36.77 -12.72 -5.63
CA VAL C 157 37.67 -12.25 -4.58
C VAL C 157 36.90 -11.35 -3.60
N LEU C 158 36.16 -10.38 -4.15
CA LEU C 158 35.37 -9.42 -3.39
C LEU C 158 34.29 -10.08 -2.54
N TYR C 159 33.73 -11.18 -3.04
CA TYR C 159 32.70 -11.91 -2.30
C TYR C 159 33.27 -12.80 -1.20
N ALA C 160 34.51 -13.27 -1.38
CA ALA C 160 35.14 -14.21 -0.45
C ALA C 160 35.19 -13.62 0.95
N ARG C 161 34.83 -14.43 1.93
CA ARG C 161 34.60 -13.97 3.29
C ARG C 161 35.59 -14.60 4.29
N VAL C 162 36.51 -13.78 4.79
CA VAL C 162 37.42 -14.19 5.85
C VAL C 162 37.54 -13.10 6.91
N ARG C 163 37.30 -13.46 8.17
CA ARG C 163 37.49 -12.55 9.28
C ARG C 163 38.96 -12.17 9.41
N THR C 164 39.23 -10.87 9.50
CA THR C 164 40.59 -10.36 9.58
C THR C 164 41.10 -10.53 11.01
N THR C 165 42.28 -11.13 11.14
CA THR C 165 42.87 -11.38 12.47
C THR C 165 44.21 -10.67 12.71
N GLY C 166 44.72 -10.00 11.68
CA GLY C 166 45.97 -9.25 11.78
C GLY C 166 45.83 -7.90 11.14
N VAL C 167 46.87 -7.09 11.20
CA VAL C 167 46.90 -5.77 10.57
C VAL C 167 47.60 -5.80 9.20
N VAL C 168 46.90 -5.32 8.16
CA VAL C 168 47.47 -5.26 6.82
C VAL C 168 47.52 -3.80 6.32
N GLU C 169 48.59 -3.45 5.61
CA GLU C 169 48.70 -2.13 4.96
C GLU C 169 48.98 -2.23 3.46
N ILE C 170 48.56 -1.21 2.73
CA ILE C 170 48.89 -1.06 1.32
C ILE C 170 49.23 0.41 1.06
N GLN C 171 50.28 0.65 0.28
CA GLN C 171 50.63 2.01 -0.10
C GLN C 171 50.23 2.24 -1.56
N PHE C 172 49.76 3.45 -1.86
CA PHE C 172 49.22 3.78 -3.18
C PHE C 172 49.04 5.29 -3.35
N SER C 173 48.66 5.68 -4.56
CA SER C 173 48.30 7.06 -4.90
C SER C 173 47.32 7.03 -6.08
N PRO C 174 46.52 8.11 -6.25
CA PRO C 174 45.72 8.27 -7.46
C PRO C 174 46.40 9.17 -8.49
N VAL C 184 49.96 10.42 -1.93
CA VAL C 184 50.28 9.05 -1.55
C VAL C 184 49.67 8.65 -0.20
N TYR C 185 48.82 7.64 -0.20
CA TYR C 185 48.10 7.19 0.98
C TYR C 185 48.60 5.85 1.52
N ARG C 186 48.63 5.72 2.84
CA ARG C 186 48.86 4.44 3.50
C ARG C 186 47.57 4.01 4.17
N LEU C 187 46.93 2.99 3.60
CA LEU C 187 45.63 2.54 4.04
C LEU C 187 45.74 1.26 4.86
N PHE C 188 45.17 1.30 6.06
CA PHE C 188 45.25 0.19 6.99
C PHE C 188 43.94 -0.58 7.11
N ASP C 189 44.04 -1.91 7.02
CA ASP C 189 42.92 -2.80 7.28
C ASP C 189 43.13 -3.51 8.61
N VAL C 190 42.06 -3.66 9.37
CA VAL C 190 42.15 -4.36 10.63
C VAL C 190 40.84 -5.13 10.91
N GLY C 191 40.89 -6.13 11.79
CA GLY C 191 39.68 -6.85 12.19
C GLY C 191 38.74 -5.95 12.96
N GLY C 192 37.44 -6.30 12.97
CA GLY C 192 36.43 -5.47 13.62
C GLY C 192 35.51 -6.20 14.59
N GLN C 193 35.63 -7.53 14.65
CA GLN C 193 34.98 -8.24 15.76
C GLN C 193 35.55 -7.75 17.09
N ARG C 194 34.72 -7.86 18.13
CA ARG C 194 35.04 -7.32 19.44
C ARG C 194 36.45 -7.70 19.93
N ASN C 195 36.83 -8.97 19.72
CA ASN C 195 38.10 -9.54 20.21
C ASN C 195 39.33 -9.00 19.48
N GLU C 196 39.12 -8.24 18.40
CA GLU C 196 40.20 -7.63 17.61
C GLU C 196 40.38 -6.13 17.88
N ARG C 197 39.35 -5.50 18.41
CA ARG C 197 39.33 -4.03 18.53
C ARG C 197 40.41 -3.47 19.43
N ARG C 198 40.98 -4.30 20.31
CA ARG C 198 42.09 -3.81 21.14
C ARG C 198 43.37 -3.60 20.30
N LYS C 199 43.40 -4.19 19.11
CA LYS C 199 44.50 -4.02 18.15
C LYS C 199 44.48 -2.64 17.50
N TRP C 200 43.30 -2.00 17.48
CA TRP C 200 43.11 -0.71 16.84
C TRP C 200 43.96 0.35 17.47
N ILE C 201 44.13 0.25 18.79
CA ILE C 201 44.67 1.35 19.58
C ILE C 201 46.04 1.81 19.04
N HIS C 202 46.96 0.88 18.82
CA HIS C 202 48.34 1.23 18.43
C HIS C 202 48.42 1.86 17.02
N LEU C 203 47.30 1.87 16.30
CA LEU C 203 47.25 2.44 14.96
C LEU C 203 46.67 3.85 14.92
N PHE C 204 46.33 4.40 16.09
CA PHE C 204 45.57 5.65 16.20
C PHE C 204 46.37 6.96 16.04
N GLU C 205 47.70 6.87 16.11
CA GLU C 205 48.57 8.05 16.03
C GLU C 205 48.71 8.55 14.59
N GLY C 206 48.60 9.87 14.39
CA GLY C 206 48.84 10.50 13.10
C GLY C 206 47.95 10.06 11.95
N VAL C 207 46.66 9.91 12.22
CA VAL C 207 45.69 9.52 11.20
C VAL C 207 45.09 10.73 10.50
N THR C 208 45.29 10.79 9.18
CA THR C 208 44.73 11.84 8.34
C THR C 208 43.20 11.70 8.21
N ALA C 209 42.71 10.47 8.10
CA ALA C 209 41.27 10.22 7.97
C ALA C 209 40.86 8.80 8.35
N VAL C 210 39.79 8.71 9.14
CA VAL C 210 39.16 7.42 9.38
C VAL C 210 38.12 7.15 8.27
N ILE C 211 38.22 5.99 7.63
CA ILE C 211 37.14 5.54 6.77
C ILE C 211 36.32 4.55 7.57
N PHE C 212 35.15 4.99 8.02
CA PHE C 212 34.37 4.17 8.92
C PHE C 212 33.25 3.47 8.17
N CYS C 213 33.27 2.15 8.23
CA CYS C 213 32.34 1.35 7.46
C CYS C 213 31.17 0.96 8.34
N ALA C 214 29.98 1.25 7.85
CA ALA C 214 28.77 0.95 8.57
C ALA C 214 27.83 0.18 7.66
N ALA C 215 27.52 -1.06 8.03
CA ALA C 215 26.64 -1.89 7.20
C ALA C 215 25.18 -1.56 7.50
N ILE C 216 24.59 -0.72 6.67
CA ILE C 216 23.24 -0.25 7.00
C ILE C 216 22.15 -1.35 6.86
N SER C 217 22.49 -2.41 6.15
CA SER C 217 21.56 -3.50 5.89
C SER C 217 21.36 -4.45 7.07
N GLU C 218 22.09 -4.27 8.17
CA GLU C 218 22.07 -5.25 9.27
C GLU C 218 21.11 -4.88 10.38
N TYR C 219 20.17 -4.00 10.09
CA TYR C 219 19.27 -3.47 11.11
C TYR C 219 18.31 -4.53 11.67
N ASP C 220 18.22 -5.68 11.01
CA ASP C 220 17.43 -6.80 11.52
C ASP C 220 18.29 -8.00 11.93
N GLN C 221 19.60 -7.79 12.02
CA GLN C 221 20.53 -8.88 12.27
C GLN C 221 21.15 -8.80 13.67
N THR C 222 21.67 -9.91 14.17
CA THR C 222 22.36 -9.94 15.46
C THR C 222 23.85 -10.20 15.28
N LEU C 223 24.64 -9.83 16.29
CA LEU C 223 26.09 -10.01 16.24
C LEU C 223 26.50 -11.46 16.28
N PHE C 224 27.59 -11.78 15.58
CA PHE C 224 28.27 -13.06 15.81
C PHE C 224 28.70 -13.24 17.28
N GLU C 225 29.24 -12.18 17.89
CA GLU C 225 29.80 -12.22 19.25
C GLU C 225 28.70 -12.34 20.31
N ASP C 226 27.55 -11.71 20.06
CA ASP C 226 26.40 -11.75 20.97
C ASP C 226 25.13 -11.80 20.13
N GLU C 227 24.54 -12.99 20.04
CA GLU C 227 23.36 -13.22 19.20
C GLU C 227 22.08 -12.56 19.74
N GLN C 228 22.21 -11.87 20.87
CA GLN C 228 21.15 -11.12 21.49
C GLN C 228 21.32 -9.62 21.17
N LYS C 229 22.44 -9.29 20.51
CA LYS C 229 22.80 -7.91 20.21
C LYS C 229 22.63 -7.53 18.73
N ASN C 230 21.66 -6.65 18.50
CA ASN C 230 21.37 -6.09 17.18
C ASN C 230 22.63 -5.47 16.58
N ARG C 231 22.98 -5.87 15.36
CA ARG C 231 24.17 -5.37 14.67
C ARG C 231 24.19 -3.88 14.42
N MET C 232 23.02 -3.28 14.17
CA MET C 232 22.97 -1.83 13.93
C MET C 232 23.27 -1.08 15.23
N MET C 233 22.76 -1.59 16.34
CA MET C 233 22.99 -0.93 17.62
C MET C 233 24.47 -1.00 17.96
N GLU C 234 25.12 -2.10 17.58
CA GLU C 234 26.55 -2.24 17.80
C GLU C 234 27.31 -1.21 16.97
N THR C 235 26.92 -1.07 15.71
CA THR C 235 27.53 -0.11 14.80
C THR C 235 27.41 1.32 15.33
N LYS C 236 26.23 1.64 15.85
CA LYS C 236 25.96 2.96 16.43
C LYS C 236 26.92 3.26 17.60
N GLU C 237 26.95 2.35 18.58
CA GLU C 237 27.76 2.52 19.81
C GLU C 237 29.25 2.56 19.55
N LEU C 238 29.70 1.82 18.52
CA LEU C 238 31.11 1.78 18.14
C LEU C 238 31.55 3.05 17.41
N PHE C 239 30.71 3.54 16.51
CA PHE C 239 30.95 4.82 15.86
C PHE C 239 31.01 5.91 16.95
N ASP C 240 30.04 5.89 17.87
CA ASP C 240 30.01 6.76 19.04
C ASP C 240 31.35 6.79 19.78
N TRP C 241 31.87 5.61 20.11
CA TRP C 241 33.14 5.44 20.84
C TRP C 241 34.33 5.94 20.00
N VAL C 242 34.32 5.63 18.72
CA VAL C 242 35.38 6.10 17.83
C VAL C 242 35.47 7.63 17.77
N LEU C 243 34.32 8.29 17.65
CA LEU C 243 34.27 9.74 17.51
C LEU C 243 34.83 10.46 18.72
N LYS C 244 34.86 9.79 19.87
CA LYS C 244 35.27 10.43 21.11
C LYS C 244 36.76 10.23 21.44
N GLN C 245 37.49 9.41 20.68
CA GLN C 245 38.92 9.18 20.98
C GLN C 245 39.75 10.45 20.74
N PRO C 246 40.43 10.94 21.79
CA PRO C 246 41.28 12.15 21.74
C PRO C 246 42.21 12.24 20.52
N CYS C 247 42.81 11.11 20.13
CA CYS C 247 43.75 11.08 19.01
C CYS C 247 43.10 11.60 17.71
N PHE C 248 41.78 11.49 17.61
CA PHE C 248 41.05 11.85 16.38
C PHE C 248 40.52 13.27 16.38
N GLU C 249 41.11 14.10 17.24
CA GLU C 249 40.68 15.48 17.39
C GLU C 249 40.62 16.26 16.08
N LYS C 250 41.65 16.12 15.25
CA LYS C 250 41.70 16.86 13.99
C LYS C 250 41.55 15.94 12.76
N THR C 251 41.25 14.68 13.01
CA THR C 251 41.15 13.68 11.97
C THR C 251 39.87 13.85 11.16
N SER C 252 39.95 13.60 9.85
CA SER C 252 38.77 13.64 9.00
C SER C 252 37.97 12.34 9.08
N PHE C 253 36.65 12.46 9.02
CA PHE C 253 35.80 11.30 9.16
C PHE C 253 34.98 11.04 7.91
N MET C 254 35.26 9.92 7.26
CA MET C 254 34.55 9.50 6.06
C MET C 254 33.66 8.31 6.40
N LEU C 255 32.36 8.54 6.44
CA LEU C 255 31.41 7.50 6.84
C LEU C 255 30.83 6.80 5.61
N PHE C 256 31.08 5.50 5.51
CA PHE C 256 30.59 4.71 4.41
C PHE C 256 29.35 3.99 4.92
N LEU C 257 28.20 4.44 4.45
CA LEU C 257 26.98 3.72 4.73
C LEU C 257 26.92 2.63 3.67
N ASN C 258 27.48 1.48 4.04
CA ASN C 258 27.80 0.41 3.10
C ASN C 258 26.73 -0.66 3.01
N LYS C 259 26.81 -1.47 1.96
CA LYS C 259 25.84 -2.55 1.71
C LYS C 259 24.45 -1.97 1.36
N PHE C 260 24.46 -0.79 0.76
CA PHE C 260 23.23 -0.21 0.20
C PHE C 260 22.49 -1.20 -0.72
N ASP C 261 23.22 -1.92 -1.57
CA ASP C 261 22.57 -2.91 -2.45
C ASP C 261 21.67 -3.89 -1.67
N ILE C 262 22.13 -4.35 -0.51
CA ILE C 262 21.33 -5.24 0.34
C ILE C 262 20.20 -4.47 1.03
N PHE C 263 20.53 -3.25 1.46
CA PHE C 263 19.60 -2.34 2.13
C PHE C 263 18.38 -2.08 1.23
N GLU C 264 18.65 -1.74 -0.03
CA GLU C 264 17.63 -1.57 -1.06
C GLU C 264 16.57 -2.68 -1.10
N LYS C 265 17.02 -3.93 -1.07
CA LYS C 265 16.11 -5.07 -1.17
C LYS C 265 15.37 -5.32 0.14
N LYS C 266 16.00 -4.96 1.26
CA LYS C 266 15.50 -5.37 2.56
C LYS C 266 14.42 -4.43 3.10
N VAL C 267 14.58 -3.14 2.83
CA VAL C 267 13.68 -2.12 3.40
C VAL C 267 12.22 -2.29 3.04
N LEU C 268 11.96 -2.78 1.83
CA LEU C 268 10.60 -2.95 1.35
C LEU C 268 9.90 -4.17 1.94
N ASP C 269 10.68 -5.02 2.60
CA ASP C 269 10.14 -6.23 3.24
C ASP C 269 10.24 -6.20 4.76
N VAL C 270 11.34 -5.66 5.28
CA VAL C 270 11.59 -5.64 6.72
C VAL C 270 11.57 -4.20 7.27
N PRO C 271 10.63 -3.90 8.19
CA PRO C 271 10.52 -2.56 8.76
C PRO C 271 11.73 -2.16 9.61
N LEU C 272 12.21 -0.94 9.37
CA LEU C 272 13.33 -0.39 10.11
C LEU C 272 13.08 -0.38 11.61
N ASN C 273 11.81 -0.28 11.99
CA ASN C 273 11.38 -0.16 13.38
C ASN C 273 11.78 -1.33 14.27
N VAL C 274 12.17 -2.43 13.65
CA VAL C 274 12.62 -3.60 14.39
C VAL C 274 13.97 -3.32 15.10
N CYS C 275 14.72 -2.38 14.55
CA CYS C 275 15.89 -1.86 15.24
C CYS C 275 15.47 -0.73 16.18
N GLU C 276 15.83 -0.84 17.45
CA GLU C 276 15.42 0.11 18.47
C GLU C 276 15.71 1.57 18.10
N TRP C 277 16.87 1.82 17.50
CA TRP C 277 17.28 3.15 17.09
C TRP C 277 16.31 3.75 16.07
N PHE C 278 15.69 2.90 15.26
CA PHE C 278 14.76 3.34 14.25
C PHE C 278 13.30 3.11 14.67
N ARG C 279 13.06 2.94 15.98
CA ARG C 279 11.70 2.72 16.54
C ARG C 279 10.63 3.58 15.88
N ASP C 280 10.98 4.85 15.69
CA ASP C 280 10.01 5.88 15.33
C ASP C 280 9.81 6.08 13.83
N TYR C 281 10.44 5.22 13.02
CA TYR C 281 10.33 5.32 11.56
C TYR C 281 8.91 5.10 11.04
N GLN C 282 8.48 5.99 10.15
CA GLN C 282 7.19 5.89 9.48
C GLN C 282 7.39 5.87 7.97
N PRO C 283 7.10 4.73 7.32
CA PRO C 283 7.15 4.70 5.85
C PRO C 283 6.09 5.61 5.26
N VAL C 284 6.42 6.28 4.15
CA VAL C 284 5.48 7.15 3.45
C VAL C 284 4.90 6.51 2.19
N SER C 285 5.64 5.54 1.65
CA SER C 285 5.37 5.03 0.32
C SER C 285 5.73 3.55 0.21
N SER C 286 5.63 3.04 -1.02
CA SER C 286 6.31 1.80 -1.40
C SER C 286 7.30 2.14 -2.53
N GLY C 287 7.84 1.10 -3.19
CA GLY C 287 8.74 1.31 -4.33
C GLY C 287 10.06 1.96 -3.97
N LYS C 288 10.74 2.49 -4.99
CA LYS C 288 12.09 3.04 -4.82
C LYS C 288 12.10 4.41 -4.12
N GLN C 289 10.95 5.06 -4.07
CA GLN C 289 10.78 6.32 -3.34
C GLN C 289 10.85 6.11 -1.83
N GLU C 290 10.31 4.99 -1.39
CA GLU C 290 10.36 4.58 0.01
C GLU C 290 11.77 4.13 0.41
N ILE C 291 12.52 3.62 -0.56
CA ILE C 291 13.94 3.27 -0.36
C ILE C 291 14.74 4.55 -0.08
N GLU C 292 14.45 5.61 -0.83
CA GLU C 292 15.13 6.91 -0.63
C GLU C 292 14.79 7.50 0.73
N HIS C 293 13.51 7.42 1.10
CA HIS C 293 13.02 7.91 2.38
C HIS C 293 13.69 7.17 3.56
N ALA C 294 13.70 5.84 3.47
CA ALA C 294 14.34 4.98 4.47
C ALA C 294 15.83 5.28 4.57
N TYR C 295 16.48 5.44 3.43
CA TYR C 295 17.90 5.76 3.41
C TYR C 295 18.16 7.09 4.06
N GLU C 296 17.35 8.10 3.72
CA GLU C 296 17.56 9.43 4.26
C GLU C 296 17.40 9.44 5.77
N PHE C 297 16.43 8.66 6.26
CA PHE C 297 16.17 8.54 7.70
C PHE C 297 17.36 7.91 8.42
N VAL C 298 17.93 6.84 7.85
CA VAL C 298 19.14 6.25 8.40
C VAL C 298 20.29 7.26 8.34
N LYS C 299 20.50 7.88 7.17
CA LYS C 299 21.57 8.88 7.06
C LYS C 299 21.48 9.97 8.13
N LYS C 300 20.26 10.45 8.38
CA LYS C 300 20.01 11.49 9.36
C LYS C 300 20.34 10.99 10.77
N LYS C 301 19.95 9.75 11.07
CA LYS C 301 20.34 9.12 12.34
C LYS C 301 21.84 9.18 12.56
N PHE C 302 22.62 8.79 11.55
CA PHE C 302 24.07 8.81 11.69
C PHE C 302 24.63 10.24 11.81
N GLU C 303 24.03 11.21 11.10
CA GLU C 303 24.47 12.61 11.20
C GLU C 303 24.32 13.16 12.61
N GLU C 304 23.12 12.99 13.17
CA GLU C 304 22.81 13.42 14.54
C GLU C 304 23.70 12.74 15.57
N LEU C 305 23.99 11.47 15.34
CA LEU C 305 24.91 10.74 16.20
C LEU C 305 26.31 11.36 16.12
N TYR C 306 26.76 11.69 14.90
CA TYR C 306 28.04 12.34 14.77
C TYR C 306 28.09 13.65 15.56
N TYR C 307 27.11 14.54 15.42
CA TYR C 307 27.18 15.82 16.08
C TYR C 307 26.96 15.73 17.60
N GLN C 308 26.14 14.75 18.02
CA GLN C 308 25.95 14.43 19.44
C GLN C 308 27.29 14.11 20.12
N ASN C 309 28.23 13.52 19.37
CA ASN C 309 29.45 12.95 19.98
C ASN C 309 30.74 13.68 19.67
N THR C 310 30.60 14.91 19.17
CA THR C 310 31.74 15.66 18.74
C THR C 310 31.81 16.99 19.51
N ALA C 311 32.77 17.02 20.43
CA ALA C 311 32.96 18.13 21.37
C ALA C 311 33.45 19.41 20.63
N PRO C 312 33.34 20.59 21.28
CA PRO C 312 33.64 21.81 20.55
C PRO C 312 35.07 21.88 19.99
N ASP C 313 36.07 21.37 20.69
CA ASP C 313 37.41 21.45 20.11
C ASP C 313 37.68 20.43 19.00
N ARG C 314 36.64 19.72 18.58
CA ARG C 314 36.73 18.74 17.50
C ARG C 314 35.75 19.02 16.37
N VAL C 315 34.86 19.99 16.59
CA VAL C 315 33.73 20.22 15.70
C VAL C 315 34.11 20.67 14.27
N ASP C 316 35.27 21.31 14.12
CA ASP C 316 35.81 21.76 12.82
C ASP C 316 36.35 20.68 11.90
N ARG C 317 36.61 19.47 12.41
CA ARG C 317 37.19 18.42 11.58
C ARG C 317 36.23 18.07 10.44
N VAL C 318 36.77 17.56 9.33
CA VAL C 318 35.94 17.17 8.21
C VAL C 318 35.06 15.97 8.52
N PHE C 319 33.77 16.07 8.17
CA PHE C 319 32.87 14.94 8.27
C PHE C 319 32.06 14.77 6.99
N LYS C 320 32.17 13.60 6.37
CA LYS C 320 31.49 13.32 5.09
C LYS C 320 30.82 11.96 5.09
N ILE C 321 29.61 11.89 4.54
CA ILE C 321 28.91 10.62 4.44
C ILE C 321 28.82 10.20 2.98
N TYR C 322 29.01 8.91 2.72
CA TYR C 322 28.87 8.34 1.37
C TYR C 322 28.05 7.07 1.37
N ARG C 323 27.13 6.96 0.41
CA ARG C 323 26.32 5.76 0.21
C ARG C 323 27.19 4.85 -0.63
N THR C 324 27.46 3.64 -0.14
CA THR C 324 28.37 2.72 -0.83
C THR C 324 27.85 1.28 -0.96
N THR C 325 28.16 0.68 -2.11
CA THR C 325 28.20 -0.78 -2.23
C THR C 325 29.65 -1.15 -2.49
N ALA C 326 30.24 -1.84 -1.51
CA ALA C 326 31.67 -2.11 -1.49
C ALA C 326 32.13 -3.00 -2.65
N LEU C 327 31.20 -3.78 -3.20
CA LEU C 327 31.49 -4.70 -4.31
C LEU C 327 31.52 -4.00 -5.69
N ASP C 328 30.81 -2.89 -5.79
CA ASP C 328 30.65 -2.13 -7.02
C ASP C 328 31.94 -1.36 -7.34
N GLN C 329 32.73 -1.90 -8.26
CA GLN C 329 34.06 -1.36 -8.57
C GLN C 329 34.06 0.11 -8.99
N LYS C 330 33.14 0.48 -9.87
CA LYS C 330 33.04 1.86 -10.37
C LYS C 330 32.63 2.80 -9.23
N LEU C 331 31.68 2.35 -8.41
CA LEU C 331 31.17 3.16 -7.31
C LEU C 331 32.26 3.51 -6.30
N VAL C 332 33.04 2.53 -5.85
CA VAL C 332 34.09 2.86 -4.88
C VAL C 332 35.17 3.75 -5.52
N LYS C 333 35.36 3.60 -6.84
CA LYS C 333 36.24 4.47 -7.61
C LYS C 333 35.74 5.91 -7.54
N LYS C 334 34.45 6.10 -7.81
CA LYS C 334 33.77 7.40 -7.72
C LYS C 334 33.87 7.96 -6.28
N THR C 335 33.46 7.15 -5.32
CA THR C 335 33.57 7.46 -3.90
C THR C 335 34.98 7.87 -3.48
N PHE C 336 35.97 7.06 -3.79
CA PHE C 336 37.34 7.37 -3.37
C PHE C 336 37.90 8.67 -3.95
N LYS C 337 37.53 8.99 -5.20
CA LYS C 337 37.91 10.26 -5.81
C LYS C 337 37.37 11.45 -5.03
N LEU C 338 36.10 11.37 -4.64
CA LEU C 338 35.48 12.40 -3.79
C LEU C 338 36.22 12.56 -2.47
N VAL C 339 36.63 11.43 -1.89
CA VAL C 339 37.38 11.42 -0.64
C VAL C 339 38.70 12.16 -0.79
N ASP C 340 39.42 11.85 -1.87
CA ASP C 340 40.72 12.45 -2.18
C ASP C 340 40.68 13.99 -2.27
N GLU C 341 39.72 14.50 -3.04
CA GLU C 341 39.58 15.96 -3.23
C GLU C 341 38.98 16.69 -2.03
N THR C 342 38.25 15.96 -1.19
CA THR C 342 37.80 16.51 0.11
C THR C 342 39.01 16.70 1.02
N LEU C 343 39.87 15.69 1.07
CA LEU C 343 41.05 15.71 1.93
C LEU C 343 42.10 16.73 1.50
N ARG C 344 42.24 16.93 0.18
CA ARG C 344 43.20 17.88 -0.37
C ARG C 344 42.76 19.34 -0.27
N ARG C 345 41.47 19.61 -0.48
CA ARG C 345 40.90 20.97 -0.32
C ARG C 345 41.14 21.53 1.07
N ARG C 346 41.23 20.62 2.03
CA ARG C 346 41.38 20.97 3.44
C ARG C 346 42.83 21.08 3.89
N ASN C 347 43.71 20.31 3.23
CA ASN C 347 45.15 20.51 3.36
C ASN C 347 45.54 21.92 2.91
N LEU C 348 44.82 22.42 1.89
CA LEU C 348 44.96 23.79 1.40
C LEU C 348 44.32 24.82 2.34
N LEU C 349 43.29 24.40 3.09
CA LEU C 349 42.56 25.32 3.98
C LEU C 349 43.29 25.65 5.29
N GLU C 350 44.13 24.73 5.77
CA GLU C 350 44.80 24.90 7.07
C GLU C 350 45.95 25.92 7.08
N ALA C 351 46.85 25.82 6.10
CA ALA C 351 47.95 26.79 5.94
C ALA C 351 48.30 26.99 4.46
#